data_6H62
#
_entry.id   6H62
#
_cell.length_a   83.704
_cell.length_b   93.767
_cell.length_c   117.127
_cell.angle_alpha   90.00
_cell.angle_beta   90.00
_cell.angle_gamma   90.00
#
_symmetry.space_group_name_H-M   'P 21 21 21'
#
loop_
_entity.id
_entity.type
_entity.pdbx_description
1 polymer 'Queuine tRNA-ribosyltransferase catalytic subunit 1'
2 non-polymer 'ZINC ION'
3 non-polymer GLYCEROL
4 water water
#
_entity_poly.entity_id   1
_entity_poly.type   'polypeptide(L)'
_entity_poly.pdbx_seq_one_letter_code
;MAAVGSPGSLESAPRIMRLVAECSRSGARAGELRLPHGTVATPVFMPVGTQATMKGITTEQLDSLGCRICLGNTYHLGLR
PGPELIRKAQGLHGFMNWPHNLLTDSGGFQMVSLFSLSEVTEEGVHFRSPYDGEETLLSPERSVEIQNALGSDIIMQLDH
VVSSTVTGPLVEEAMHRSVRWLDRCIAAHKHPDKQNLFAIIQGGLNADLRTTCLKEMTKRDVPGFAIGGLSGGESKAQFW
KMVALSTSMLPKDKPRYLMGVGYATDLVVCVALGCDMFDCVYPTRTARFGSALVPTGNLQLKKKQYAKDFSPINPECPCP
TCQTHSRAFLHALLHSDNTTALHHLTVHNIAYQLQLLSAVRSSILEQRFPDFVRNFMRTMYGDHSLCPAWAVEALASVGI
MLT
;
_entity_poly.pdbx_strand_id   A,B
#
# COMPACT_ATOMS: atom_id res chain seq x y z
N GLU A 11 -31.21 -35.84 -9.72
CA GLU A 11 -31.14 -34.90 -8.61
C GLU A 11 -30.01 -33.90 -8.81
N SER A 12 -30.22 -32.94 -9.71
CA SER A 12 -29.20 -31.96 -10.06
C SER A 12 -29.75 -30.56 -9.91
N ALA A 13 -28.97 -29.69 -9.27
CA ALA A 13 -29.31 -28.29 -9.09
C ALA A 13 -29.02 -27.50 -10.37
N PRO A 14 -29.60 -26.31 -10.52
CA PRO A 14 -29.27 -25.48 -11.68
C PRO A 14 -27.78 -25.16 -11.74
N ARG A 15 -27.25 -25.13 -12.96
CA ARG A 15 -25.83 -24.91 -13.18
C ARG A 15 -25.53 -23.42 -13.31
N ILE A 16 -24.39 -23.01 -12.76
CA ILE A 16 -23.99 -21.60 -12.79
C ILE A 16 -23.08 -21.27 -13.97
N MET A 17 -22.54 -22.26 -14.66
CA MET A 17 -21.63 -22.03 -15.78
C MET A 17 -22.31 -22.42 -17.09
N ARG A 18 -22.19 -21.55 -18.09
CA ARG A 18 -22.66 -21.81 -19.44
C ARG A 18 -21.47 -21.92 -20.37
N LEU A 19 -21.33 -23.06 -21.04
CA LEU A 19 -20.26 -23.26 -22.00
C LEU A 19 -20.60 -22.54 -23.30
N VAL A 20 -19.72 -21.64 -23.73
CA VAL A 20 -19.95 -20.83 -24.91
C VAL A 20 -19.21 -21.37 -26.13
N ALA A 21 -17.97 -21.81 -25.94
CA ALA A 21 -17.22 -22.40 -27.04
C ALA A 21 -16.15 -23.33 -26.46
N GLU A 22 -15.68 -24.25 -27.30
CA GLU A 22 -14.63 -25.19 -26.94
C GLU A 22 -13.60 -25.26 -28.06
N CYS A 23 -12.39 -25.64 -27.70
CA CYS A 23 -11.35 -25.92 -28.69
C CYS A 23 -11.49 -27.34 -29.20
N SER A 24 -11.39 -27.50 -30.52
CA SER A 24 -11.60 -28.82 -31.11
C SER A 24 -10.43 -29.75 -30.86
N ARG A 25 -9.22 -29.20 -30.74
CA ARG A 25 -8.02 -30.02 -30.51
C ARG A 25 -7.81 -30.31 -29.03
N SER A 26 -7.89 -29.28 -28.18
CA SER A 26 -7.56 -29.40 -26.77
C SER A 26 -8.84 -29.33 -25.92
N GLY A 27 -8.66 -29.29 -24.60
CA GLY A 27 -9.72 -29.18 -23.64
C GLY A 27 -10.10 -27.76 -23.23
N ALA A 28 -9.60 -26.75 -23.94
CA ALA A 28 -9.81 -25.37 -23.53
C ALA A 28 -11.29 -24.98 -23.67
N ARG A 29 -11.83 -24.33 -22.64
CA ARG A 29 -13.23 -23.95 -22.60
C ARG A 29 -13.34 -22.43 -22.44
N ALA A 30 -14.34 -21.86 -23.10
CA ALA A 30 -14.73 -20.47 -22.91
C ALA A 30 -16.18 -20.43 -22.48
N GLY A 31 -16.43 -19.83 -21.30
CA GLY A 31 -17.79 -19.74 -20.81
C GLY A 31 -18.05 -18.49 -19.99
N GLU A 32 -19.19 -18.46 -19.29
CA GLU A 32 -19.50 -17.38 -18.36
C GLU A 32 -20.20 -17.95 -17.14
N LEU A 33 -19.94 -17.33 -15.99
CA LEU A 33 -20.55 -17.72 -14.73
C LEU A 33 -21.71 -16.77 -14.42
N ARG A 34 -22.85 -17.34 -14.02
CA ARG A 34 -23.99 -16.55 -13.57
C ARG A 34 -23.91 -16.46 -12.04
N LEU A 35 -23.46 -15.31 -11.55
CA LEU A 35 -23.28 -15.05 -10.13
C LEU A 35 -24.19 -13.91 -9.70
N PRO A 36 -24.50 -13.81 -8.39
CA PRO A 36 -25.48 -12.80 -7.96
C PRO A 36 -25.10 -11.37 -8.28
N HIS A 37 -23.81 -11.04 -8.36
CA HIS A 37 -23.37 -9.67 -8.62
C HIS A 37 -22.93 -9.47 -10.07
N GLY A 38 -23.40 -10.32 -10.99
CA GLY A 38 -23.09 -10.13 -12.39
C GLY A 38 -22.36 -11.30 -13.04
N THR A 39 -22.38 -11.35 -14.37
CA THR A 39 -21.73 -12.43 -15.09
C THR A 39 -20.22 -12.23 -15.08
N VAL A 40 -19.50 -13.35 -15.24
CA VAL A 40 -18.04 -13.36 -15.24
C VAL A 40 -17.58 -14.22 -16.40
N ALA A 41 -16.83 -13.62 -17.32
CA ALA A 41 -16.31 -14.37 -18.47
C ALA A 41 -15.17 -15.26 -18.03
N THR A 42 -15.21 -16.53 -18.46
CA THR A 42 -14.17 -17.49 -18.15
C THR A 42 -13.51 -17.98 -19.43
N PRO A 43 -12.21 -18.35 -19.39
CA PRO A 43 -11.28 -18.36 -18.25
C PRO A 43 -10.99 -16.99 -17.65
N VAL A 44 -10.78 -16.94 -16.34
CA VAL A 44 -10.61 -15.69 -15.62
C VAL A 44 -9.55 -15.87 -14.54
N PHE A 45 -8.69 -14.86 -14.39
CA PHE A 45 -7.74 -14.80 -13.28
C PHE A 45 -8.30 -13.84 -12.24
N MET A 46 -8.32 -14.28 -10.98
CA MET A 46 -8.89 -13.49 -9.91
C MET A 46 -7.80 -12.93 -9.00
N PRO A 47 -7.54 -11.63 -9.00
CA PRO A 47 -6.53 -11.07 -8.12
C PRO A 47 -7.00 -11.07 -6.67
N VAL A 48 -6.03 -11.06 -5.76
CA VAL A 48 -6.31 -11.05 -4.33
C VAL A 48 -6.65 -9.61 -3.94
N GLY A 49 -7.91 -9.37 -3.58
CA GLY A 49 -8.39 -8.01 -3.40
C GLY A 49 -7.67 -7.25 -2.30
N THR A 50 -7.42 -7.91 -1.16
CA THR A 50 -6.82 -7.21 -0.03
C THR A 50 -5.37 -6.84 -0.30
N GLN A 51 -4.63 -7.68 -1.02
CA GLN A 51 -3.25 -7.34 -1.37
C GLN A 51 -3.21 -6.11 -2.27
N ALA A 52 -4.25 -5.89 -3.07
CA ALA A 52 -4.30 -4.69 -3.91
C ALA A 52 -4.74 -3.47 -3.12
N THR A 53 -5.70 -3.64 -2.20
CA THR A 53 -6.17 -2.51 -1.41
C THR A 53 -5.08 -1.97 -0.50
N MET A 54 -4.27 -2.86 0.09
CA MET A 54 -3.18 -2.42 0.95
C MET A 54 -2.06 -1.73 0.18
N LYS A 55 -2.09 -1.78 -1.14
CA LYS A 55 -1.09 -1.09 -1.97
C LYS A 55 -1.68 0.14 -2.67
N GLY A 56 -2.79 0.66 -2.18
CA GLY A 56 -3.39 1.87 -2.72
C GLY A 56 -4.23 1.70 -3.95
N ILE A 57 -4.48 0.46 -4.40
CA ILE A 57 -5.37 0.23 -5.52
C ILE A 57 -6.81 0.30 -5.04
N THR A 58 -7.62 1.09 -5.72
CA THR A 58 -8.99 1.33 -5.32
C THR A 58 -9.96 0.48 -6.16
N THR A 59 -11.20 0.42 -5.69
CA THR A 59 -12.25 -0.29 -6.42
C THR A 59 -12.39 0.26 -7.84
N GLU A 60 -12.38 1.58 -7.99
CA GLU A 60 -12.57 2.19 -9.30
C GLU A 60 -11.49 1.77 -10.28
N GLN A 61 -10.22 1.79 -9.83
CA GLN A 61 -9.13 1.34 -10.69
C GLN A 61 -9.31 -0.11 -11.10
N LEU A 62 -9.68 -0.98 -10.15
CA LEU A 62 -9.85 -2.40 -10.47
C LEU A 62 -11.02 -2.63 -11.40
N ASP A 63 -12.11 -1.88 -11.21
CA ASP A 63 -13.26 -2.00 -12.10
C ASP A 63 -12.92 -1.56 -13.52
N SER A 64 -12.12 -0.49 -13.64
CA SER A 64 -11.75 0.02 -14.97
C SER A 64 -10.96 -1.02 -15.75
N LEU A 65 -10.08 -1.76 -15.07
CA LEU A 65 -9.30 -2.81 -15.73
C LEU A 65 -10.16 -3.96 -16.25
N GLY A 66 -11.46 -3.96 -15.96
CA GLY A 66 -12.35 -5.02 -16.41
C GLY A 66 -12.56 -6.14 -15.41
N CYS A 67 -12.00 -6.04 -14.22
CA CYS A 67 -12.13 -7.11 -13.23
C CYS A 67 -13.57 -7.21 -12.74
N ARG A 68 -14.13 -8.41 -12.79
CA ARG A 68 -15.49 -8.65 -12.33
C ARG A 68 -15.57 -9.64 -11.17
N ILE A 69 -14.43 -10.14 -10.69
CA ILE A 69 -14.40 -11.04 -9.54
C ILE A 69 -12.99 -11.04 -8.99
N CYS A 70 -12.89 -11.06 -7.65
CA CYS A 70 -11.60 -11.09 -6.98
C CYS A 70 -11.76 -11.82 -5.65
N LEU A 71 -10.62 -12.09 -5.01
CA LEU A 71 -10.59 -12.85 -3.77
C LEU A 71 -10.67 -11.94 -2.55
N GLY A 72 -11.40 -12.39 -1.54
CA GLY A 72 -11.50 -11.68 -0.28
C GLY A 72 -10.74 -12.38 0.83
N ASN A 73 -10.39 -11.64 1.88
CA ASN A 73 -9.55 -12.15 2.96
C ASN A 73 -10.18 -13.35 3.67
N THR A 74 -11.26 -13.11 4.41
CA THR A 74 -11.92 -14.14 5.22
C THR A 74 -10.95 -14.79 6.19
N GLY A 91 -21.82 -6.30 4.62
CA GLY A 91 -20.94 -7.46 4.54
C GLY A 91 -19.56 -7.12 3.99
N LEU A 92 -18.97 -8.06 3.26
CA LEU A 92 -17.63 -7.85 2.71
C LEU A 92 -17.67 -6.99 1.44
N HIS A 93 -18.77 -7.02 0.70
CA HIS A 93 -18.90 -6.15 -0.47
C HIS A 93 -18.89 -4.69 -0.05
N GLY A 94 -19.57 -4.36 1.04
CA GLY A 94 -19.58 -2.98 1.52
C GLY A 94 -18.27 -2.58 2.17
N PHE A 95 -17.63 -3.52 2.87
CA PHE A 95 -16.34 -3.21 3.50
C PHE A 95 -15.29 -2.84 2.47
N MET A 96 -15.33 -3.48 1.30
CA MET A 96 -14.45 -3.14 0.20
C MET A 96 -15.01 -2.06 -0.71
N ASN A 97 -16.31 -1.82 -0.67
CA ASN A 97 -17.02 -0.96 -1.62
C ASN A 97 -16.84 -1.50 -3.04
N TRP A 98 -17.38 -2.70 -3.25
CA TRP A 98 -17.15 -3.47 -4.46
C TRP A 98 -18.49 -3.86 -5.07
N PRO A 99 -18.80 -3.43 -6.30
CA PRO A 99 -20.10 -3.76 -6.89
C PRO A 99 -20.15 -5.10 -7.62
N HIS A 100 -19.03 -5.80 -7.76
CA HIS A 100 -18.98 -7.04 -8.50
C HIS A 100 -18.86 -8.23 -7.55
N ASN A 101 -18.35 -9.35 -8.06
CA ASN A 101 -18.37 -10.61 -7.33
C ASN A 101 -17.12 -10.77 -6.46
N LEU A 102 -17.25 -11.62 -5.44
CA LEU A 102 -16.17 -11.93 -4.52
C LEU A 102 -16.08 -13.43 -4.30
N LEU A 103 -14.86 -13.93 -4.12
CA LEU A 103 -14.60 -15.29 -3.70
C LEU A 103 -13.81 -15.25 -2.40
N THR A 104 -14.27 -16.00 -1.40
CA THR A 104 -13.61 -16.05 -0.10
C THR A 104 -13.18 -17.47 0.20
N ASP A 105 -12.03 -17.61 0.84
CA ASP A 105 -11.51 -18.91 1.24
C ASP A 105 -12.05 -19.30 2.61
N SER A 106 -11.67 -20.50 3.07
CA SER A 106 -12.19 -21.00 4.33
C SER A 106 -11.49 -20.38 5.53
N GLY A 107 -10.23 -19.98 5.38
CA GLY A 107 -9.44 -19.48 6.49
C GLY A 107 -8.52 -20.50 7.11
N GLY A 108 -8.45 -21.72 6.56
CA GLY A 108 -7.63 -22.75 7.16
C GLY A 108 -6.15 -22.55 6.93
N PHE A 109 -5.76 -22.30 5.67
CA PHE A 109 -4.35 -22.19 5.33
C PHE A 109 -3.65 -21.09 6.11
N GLN A 110 -4.35 -20.00 6.40
CA GLN A 110 -3.79 -18.92 7.21
C GLN A 110 -3.63 -19.38 8.65
N MET A 111 -4.73 -19.44 9.39
CA MET A 111 -4.70 -19.87 10.78
C MET A 111 -4.56 -21.39 10.88
N SER A 118 -0.26 -25.40 16.55
CA SER A 118 -1.62 -25.63 16.09
C SER A 118 -1.85 -27.10 15.73
N GLU A 119 -2.95 -27.67 16.20
CA GLU A 119 -3.30 -29.05 15.95
C GLU A 119 -4.64 -29.14 15.24
N VAL A 120 -4.85 -30.26 14.55
CA VAL A 120 -6.07 -30.51 13.79
C VAL A 120 -6.67 -31.84 14.25
N THR A 121 -7.93 -31.81 14.64
CA THR A 121 -8.71 -33.00 14.95
C THR A 121 -9.96 -33.03 14.08
N GLU A 122 -10.85 -33.99 14.36
CA GLU A 122 -12.08 -34.11 13.58
C GLU A 122 -13.06 -32.97 13.86
N GLU A 123 -12.93 -32.30 15.00
CA GLU A 123 -13.83 -31.20 15.32
C GLU A 123 -13.54 -29.97 14.48
N GLY A 124 -12.29 -29.79 14.06
CA GLY A 124 -11.89 -28.62 13.30
C GLY A 124 -10.42 -28.33 13.50
N VAL A 125 -10.05 -27.08 13.26
CA VAL A 125 -8.67 -26.63 13.39
C VAL A 125 -8.52 -25.95 14.75
N HIS A 126 -7.57 -26.42 15.54
CA HIS A 126 -7.29 -25.87 16.86
C HIS A 126 -6.06 -24.99 16.79
N PHE A 127 -6.17 -23.76 17.30
CA PHE A 127 -5.06 -22.82 17.27
C PHE A 127 -5.22 -21.84 18.41
N ARG A 128 -4.15 -21.08 18.68
CA ARG A 128 -4.17 -20.02 19.68
C ARG A 128 -4.61 -18.72 19.03
N SER A 129 -5.61 -18.07 19.64
CA SER A 129 -6.18 -16.85 19.08
C SER A 129 -5.11 -15.78 18.91
N PRO A 130 -5.32 -14.83 18.00
CA PRO A 130 -4.36 -13.72 17.87
C PRO A 130 -4.71 -12.54 18.78
N TYR A 131 -5.97 -12.43 19.17
CA TYR A 131 -6.41 -11.35 20.04
C TYR A 131 -6.21 -11.73 21.51
N ASP A 132 -7.17 -12.47 22.07
CA ASP A 132 -7.05 -12.95 23.44
C ASP A 132 -5.89 -13.91 23.64
N GLY A 133 -5.40 -14.53 22.56
CA GLY A 133 -4.33 -15.49 22.69
C GLY A 133 -4.72 -16.83 23.30
N GLU A 134 -6.02 -17.10 23.42
CA GLU A 134 -6.52 -18.33 24.00
C GLU A 134 -6.91 -19.31 22.91
N GLU A 135 -7.01 -20.59 23.29
CA GLU A 135 -7.31 -21.64 22.33
C GLU A 135 -8.66 -21.41 21.67
N THR A 136 -8.67 -21.54 20.34
CA THR A 136 -9.87 -21.31 19.54
C THR A 136 -10.03 -22.50 18.60
N LEU A 137 -11.24 -22.64 18.05
CA LEU A 137 -11.56 -23.74 17.14
C LEU A 137 -12.27 -23.19 15.90
N LEU A 138 -11.78 -23.58 14.73
CA LEU A 138 -12.43 -23.28 13.45
C LEU A 138 -12.96 -24.59 12.89
N SER A 139 -14.24 -24.83 13.05
CA SER A 139 -14.91 -26.02 12.55
C SER A 139 -15.45 -25.78 11.15
N PRO A 140 -15.79 -26.84 10.41
CA PRO A 140 -16.48 -26.64 9.13
C PRO A 140 -17.75 -25.83 9.24
N GLU A 141 -18.52 -26.03 10.32
CA GLU A 141 -19.75 -25.27 10.52
C GLU A 141 -19.45 -23.79 10.75
N ARG A 142 -18.40 -23.49 11.52
CA ARG A 142 -18.08 -22.10 11.82
C ARG A 142 -17.54 -21.38 10.59
N SER A 143 -16.74 -22.06 9.76
CA SER A 143 -16.22 -21.45 8.56
C SER A 143 -17.34 -21.05 7.60
N VAL A 144 -18.36 -21.90 7.47
CA VAL A 144 -19.49 -21.56 6.62
C VAL A 144 -20.27 -20.38 7.19
N GLU A 145 -20.43 -20.34 8.52
CA GLU A 145 -21.16 -19.24 9.15
C GLU A 145 -20.43 -17.91 8.94
N ILE A 146 -19.10 -17.93 9.02
CA ILE A 146 -18.32 -16.72 8.75
C ILE A 146 -18.53 -16.28 7.31
N GLN A 147 -18.42 -17.21 6.37
CA GLN A 147 -18.55 -16.87 4.95
C GLN A 147 -19.97 -16.49 4.58
N ASN A 148 -20.97 -17.06 5.27
CA ASN A 148 -22.35 -16.64 5.03
C ASN A 148 -22.56 -15.19 5.41
N ALA A 149 -21.92 -14.74 6.49
CA ALA A 149 -22.07 -13.35 6.93
C ALA A 149 -21.30 -12.39 6.04
N LEU A 150 -20.20 -12.85 5.43
CA LEU A 150 -19.42 -11.98 4.54
C LEU A 150 -20.19 -11.65 3.27
N GLY A 151 -21.06 -12.54 2.82
CA GLY A 151 -21.90 -12.28 1.67
C GLY A 151 -21.25 -12.45 0.33
N SER A 152 -20.11 -13.14 0.26
CA SER A 152 -19.45 -13.35 -1.03
C SER A 152 -20.28 -14.28 -1.90
N ASP A 153 -19.96 -14.29 -3.20
CA ASP A 153 -20.73 -15.05 -4.16
C ASP A 153 -20.26 -16.49 -4.29
N ILE A 154 -18.97 -16.75 -4.08
CA ILE A 154 -18.42 -18.09 -4.06
C ILE A 154 -17.71 -18.30 -2.73
N ILE A 155 -17.96 -19.45 -2.09
CA ILE A 155 -17.36 -19.77 -0.81
C ILE A 155 -16.67 -21.13 -0.93
N MET A 156 -15.57 -21.28 -0.19
CA MET A 156 -14.75 -22.48 -0.24
C MET A 156 -14.96 -23.32 1.02
N GLN A 157 -15.05 -24.63 0.83
CA GLN A 157 -15.13 -25.54 1.97
C GLN A 157 -13.87 -25.46 2.82
N LEU A 158 -14.00 -25.89 4.07
CA LEU A 158 -12.85 -26.07 4.94
C LEU A 158 -12.26 -27.45 4.72
N ASP A 159 -10.94 -27.51 4.51
CA ASP A 159 -10.25 -28.75 4.26
C ASP A 159 -9.10 -28.91 5.24
N HIS A 160 -8.56 -30.13 5.30
CA HIS A 160 -7.44 -30.47 6.17
C HIS A 160 -6.23 -30.70 5.29
N VAL A 161 -5.35 -29.70 5.21
CA VAL A 161 -4.14 -29.77 4.41
C VAL A 161 -2.94 -30.05 5.30
N VAL A 162 -2.06 -30.94 4.84
CA VAL A 162 -0.82 -31.25 5.53
C VAL A 162 0.33 -30.77 4.66
N SER A 163 1.47 -30.52 5.30
CA SER A 163 2.66 -30.08 4.58
C SER A 163 3.10 -31.15 3.59
N SER A 164 3.81 -30.70 2.54
CA SER A 164 4.37 -31.63 1.56
C SER A 164 5.46 -32.50 2.18
N THR A 165 5.99 -32.12 3.34
CA THR A 165 6.98 -32.95 4.02
C THR A 165 6.35 -34.19 4.66
N VAL A 166 5.05 -34.18 4.89
CA VAL A 166 4.36 -35.35 5.42
C VAL A 166 4.21 -36.38 4.32
N THR A 167 4.45 -37.65 4.64
CA THR A 167 4.58 -38.69 3.63
C THR A 167 3.64 -39.88 3.84
N GLY A 168 3.61 -40.41 5.06
CA GLY A 168 2.96 -41.69 5.32
C GLY A 168 1.45 -41.70 5.21
N PRO A 169 0.82 -42.63 5.92
CA PRO A 169 -0.65 -42.77 5.82
C PRO A 169 -1.43 -41.67 6.50
N LEU A 170 -0.78 -40.67 7.09
CA LEU A 170 -1.51 -39.52 7.61
C LEU A 170 -1.99 -38.61 6.50
N VAL A 171 -1.43 -38.74 5.29
CA VAL A 171 -1.89 -37.93 4.16
C VAL A 171 -3.25 -38.41 3.68
N GLU A 172 -3.44 -39.74 3.62
CA GLU A 172 -4.72 -40.28 3.19
C GLU A 172 -5.81 -40.00 4.21
N GLU A 173 -5.46 -39.92 5.50
CA GLU A 173 -6.46 -39.64 6.52
C GLU A 173 -6.95 -38.19 6.42
N ALA A 174 -6.05 -37.27 6.05
CA ALA A 174 -6.47 -35.88 5.86
C ALA A 174 -7.37 -35.74 4.64
N MET A 175 -7.15 -36.54 3.60
CA MET A 175 -8.01 -36.50 2.42
C MET A 175 -9.42 -36.97 2.75
N HIS A 176 -9.54 -38.09 3.46
CA HIS A 176 -10.86 -38.57 3.87
C HIS A 176 -11.51 -37.64 4.88
N ARG A 177 -10.68 -36.96 5.69
CA ARG A 177 -11.23 -35.97 6.63
C ARG A 177 -11.84 -34.80 5.86
N SER A 178 -11.21 -34.40 4.75
CA SER A 178 -11.73 -33.30 3.94
C SER A 178 -13.06 -33.64 3.30
N VAL A 179 -13.27 -34.92 2.95
CA VAL A 179 -14.56 -35.32 2.36
C VAL A 179 -15.66 -35.23 3.41
N ARG A 180 -15.39 -35.73 4.62
CA ARG A 180 -16.35 -35.62 5.71
C ARG A 180 -16.62 -34.15 6.04
N TRP A 181 -15.57 -33.32 6.02
CA TRP A 181 -15.74 -31.89 6.26
C TRP A 181 -16.58 -31.24 5.16
N LEU A 182 -16.42 -31.71 3.93
CA LEU A 182 -17.21 -31.17 2.82
C LEU A 182 -18.70 -31.39 3.06
N ASP A 183 -19.08 -32.61 3.47
CA ASP A 183 -20.48 -32.89 3.74
C ASP A 183 -21.02 -32.02 4.87
N ARG A 184 -20.19 -31.72 5.87
CA ARG A 184 -20.62 -30.85 6.96
C ARG A 184 -20.76 -29.41 6.50
N CYS A 185 -19.89 -28.97 5.59
CA CYS A 185 -20.05 -27.64 5.00
C CYS A 185 -21.35 -27.54 4.21
N ILE A 186 -21.67 -28.57 3.42
CA ILE A 186 -22.90 -28.56 2.63
C ILE A 186 -24.11 -28.51 3.55
N ALA A 187 -24.09 -29.30 4.63
CA ALA A 187 -25.20 -29.30 5.56
C ALA A 187 -25.33 -27.98 6.31
N ALA A 188 -24.20 -27.33 6.60
CA ALA A 188 -24.25 -26.06 7.32
C ALA A 188 -24.54 -24.88 6.40
N HIS A 189 -24.33 -25.04 5.10
CA HIS A 189 -24.61 -23.98 4.13
C HIS A 189 -26.09 -24.06 3.76
N LYS A 190 -26.88 -23.12 4.28
CA LYS A 190 -28.33 -23.15 4.11
C LYS A 190 -28.82 -22.06 3.17
N HIS A 191 -27.99 -21.70 2.17
CA HIS A 191 -28.39 -20.69 1.20
C HIS A 191 -27.72 -20.94 -0.15
N PRO A 192 -28.00 -22.08 -0.81
CA PRO A 192 -27.37 -22.33 -2.12
C PRO A 192 -27.83 -21.38 -3.21
N ASP A 193 -28.89 -20.61 -2.98
CA ASP A 193 -29.40 -19.67 -3.97
C ASP A 193 -28.78 -18.29 -3.86
N LYS A 194 -27.99 -18.03 -2.82
CA LYS A 194 -27.28 -16.77 -2.66
C LYS A 194 -25.77 -16.91 -2.75
N GLN A 195 -25.22 -18.05 -2.35
CA GLN A 195 -23.79 -18.27 -2.35
C GLN A 195 -23.49 -19.67 -2.89
N ASN A 196 -22.34 -19.81 -3.52
CA ASN A 196 -21.96 -21.05 -4.20
C ASN A 196 -20.77 -21.68 -3.48
N LEU A 197 -20.97 -22.89 -2.96
CA LEU A 197 -19.93 -23.60 -2.22
C LEU A 197 -19.13 -24.49 -3.17
N PHE A 198 -17.80 -24.34 -3.13
CA PHE A 198 -16.90 -25.13 -3.94
C PHE A 198 -16.19 -26.18 -3.09
N ALA A 199 -16.09 -27.40 -3.62
CA ALA A 199 -15.24 -28.40 -3.02
C ALA A 199 -13.79 -28.22 -3.45
N ILE A 200 -12.88 -28.80 -2.67
CA ILE A 200 -11.45 -28.69 -2.93
C ILE A 200 -10.88 -30.09 -3.06
N ILE A 201 -10.37 -30.40 -4.26
CA ILE A 201 -9.77 -31.72 -4.51
C ILE A 201 -8.44 -31.81 -3.78
N GLN A 202 -8.23 -32.92 -3.09
CA GLN A 202 -7.02 -33.18 -2.32
C GLN A 202 -6.18 -34.25 -3.03
N GLY A 203 -5.08 -34.62 -2.39
CA GLY A 203 -4.21 -35.69 -2.87
C GLY A 203 -2.79 -35.26 -3.18
N GLY A 204 -2.56 -33.96 -3.36
CA GLY A 204 -1.21 -33.50 -3.66
C GLY A 204 -0.71 -34.07 -4.98
N LEU A 205 0.50 -34.62 -4.96
CA LEU A 205 1.14 -35.18 -6.14
C LEU A 205 1.01 -36.71 -6.19
N ASN A 206 0.14 -37.30 -5.38
CA ASN A 206 -0.06 -38.75 -5.37
C ASN A 206 -1.20 -39.08 -6.31
N ALA A 207 -0.87 -39.70 -7.45
CA ALA A 207 -1.88 -39.98 -8.46
C ALA A 207 -2.99 -40.89 -7.94
N ASP A 208 -2.63 -41.89 -7.13
CA ASP A 208 -3.64 -42.80 -6.61
C ASP A 208 -4.53 -42.12 -5.59
N LEU A 209 -3.95 -41.26 -4.74
CA LEU A 209 -4.74 -40.58 -3.72
C LEU A 209 -5.69 -39.56 -4.34
N ARG A 210 -5.20 -38.76 -5.29
CA ARG A 210 -6.05 -37.78 -5.93
C ARG A 210 -7.19 -38.43 -6.71
N THR A 211 -6.94 -39.62 -7.28
CA THR A 211 -8.02 -40.35 -7.95
C THR A 211 -9.13 -40.72 -6.99
N THR A 212 -8.77 -41.16 -5.78
CA THR A 212 -9.77 -41.46 -4.76
C THR A 212 -10.56 -40.22 -4.39
N CYS A 213 -9.87 -39.09 -4.17
CA CYS A 213 -10.55 -37.87 -3.76
C CYS A 213 -11.47 -37.34 -4.86
N LEU A 214 -11.00 -37.36 -6.11
CA LEU A 214 -11.84 -36.96 -7.24
C LEU A 214 -13.08 -37.84 -7.32
N LYS A 215 -12.90 -39.15 -7.21
CA LYS A 215 -14.01 -40.08 -7.31
C LYS A 215 -15.04 -39.85 -6.19
N GLU A 216 -14.57 -39.45 -5.01
CA GLU A 216 -15.47 -39.33 -3.87
C GLU A 216 -16.19 -37.99 -3.85
N MET A 217 -15.48 -36.89 -4.11
CA MET A 217 -16.09 -35.57 -4.04
C MET A 217 -17.05 -35.32 -5.21
N THR A 218 -16.83 -36.00 -6.34
CA THR A 218 -17.70 -35.80 -7.49
C THR A 218 -19.14 -36.24 -7.21
N LYS A 219 -19.33 -37.16 -6.26
CA LYS A 219 -20.67 -37.62 -5.90
C LYS A 219 -21.47 -36.57 -5.16
N ARG A 220 -20.84 -35.51 -4.65
CA ARG A 220 -21.56 -34.43 -4.00
C ARG A 220 -21.96 -33.38 -5.03
N ASP A 221 -23.18 -32.84 -4.86
CA ASP A 221 -23.71 -31.85 -5.79
C ASP A 221 -23.37 -30.45 -5.29
N VAL A 222 -22.16 -30.01 -5.64
CA VAL A 222 -21.72 -28.65 -5.35
C VAL A 222 -21.64 -27.88 -6.67
N PRO A 223 -21.89 -26.57 -6.67
CA PRO A 223 -21.92 -25.83 -7.95
C PRO A 223 -20.58 -25.78 -8.65
N GLY A 224 -19.46 -26.03 -7.96
CA GLY A 224 -18.16 -25.95 -8.60
C GLY A 224 -17.11 -26.69 -7.80
N PHE A 225 -15.96 -26.89 -8.44
CA PHE A 225 -14.86 -27.64 -7.87
C PHE A 225 -13.56 -26.88 -8.01
N ALA A 226 -12.78 -26.86 -6.93
CA ALA A 226 -11.44 -26.30 -6.93
C ALA A 226 -10.40 -27.41 -6.86
N ILE A 227 -9.19 -27.09 -7.33
CA ILE A 227 -8.07 -28.02 -7.33
C ILE A 227 -7.01 -27.47 -6.39
N GLY A 228 -6.83 -28.12 -5.24
CA GLY A 228 -5.87 -27.69 -4.25
C GLY A 228 -4.62 -28.54 -4.24
N GLY A 229 -3.58 -28.01 -3.59
CA GLY A 229 -2.36 -28.76 -3.38
C GLY A 229 -1.37 -28.74 -4.53
N LEU A 230 -1.53 -27.83 -5.49
CA LEU A 230 -0.66 -27.76 -6.65
C LEU A 230 0.05 -26.42 -6.79
N SER A 231 0.05 -25.59 -5.74
CA SER A 231 0.68 -24.28 -5.81
C SER A 231 2.14 -24.35 -5.38
N GLY A 232 2.99 -23.64 -6.11
CA GLY A 232 4.38 -23.48 -5.73
C GLY A 232 5.19 -24.75 -5.68
N GLY A 233 4.80 -25.78 -6.42
CA GLY A 233 5.56 -27.01 -6.44
C GLY A 233 6.84 -26.88 -7.23
N GLU A 234 7.81 -27.75 -6.90
CA GLU A 234 9.08 -27.75 -7.60
C GLU A 234 8.99 -28.51 -8.92
N SER A 235 8.40 -29.69 -8.90
CA SER A 235 8.37 -30.56 -10.08
C SER A 235 7.25 -30.09 -11.00
N LYS A 236 7.63 -29.40 -12.08
CA LYS A 236 6.65 -28.99 -13.08
C LYS A 236 6.04 -30.18 -13.80
N ALA A 237 6.79 -31.26 -13.95
CA ALA A 237 6.28 -32.43 -14.68
C ALA A 237 5.11 -33.09 -13.94
N GLN A 238 5.23 -33.25 -12.63
CA GLN A 238 4.12 -33.80 -11.86
C GLN A 238 2.98 -32.80 -11.75
N PHE A 239 3.28 -31.50 -11.84
CA PHE A 239 2.25 -30.47 -11.73
C PHE A 239 1.22 -30.59 -12.85
N TRP A 240 1.69 -30.59 -14.11
CA TRP A 240 0.74 -30.63 -15.22
C TRP A 240 0.03 -31.98 -15.31
N LYS A 241 0.68 -33.06 -14.90
CA LYS A 241 0.03 -34.36 -14.91
C LYS A 241 -1.07 -34.45 -13.86
N MET A 242 -0.90 -33.76 -12.73
CA MET A 242 -1.95 -33.74 -11.72
C MET A 242 -3.12 -32.86 -12.12
N VAL A 243 -2.85 -31.79 -12.86
CA VAL A 243 -3.93 -30.95 -13.36
C VAL A 243 -4.77 -31.71 -14.38
N ALA A 244 -4.11 -32.43 -15.30
CA ALA A 244 -4.83 -33.20 -16.30
C ALA A 244 -5.66 -34.30 -15.65
N LEU A 245 -5.12 -34.94 -14.61
CA LEU A 245 -5.87 -35.97 -13.89
C LEU A 245 -7.14 -35.40 -13.30
N SER A 246 -7.07 -34.20 -12.72
CA SER A 246 -8.24 -33.60 -12.08
C SER A 246 -9.31 -33.26 -13.11
N THR A 247 -8.91 -32.62 -14.22
CA THR A 247 -9.88 -32.20 -15.22
C THR A 247 -10.50 -33.37 -15.98
N SER A 248 -9.83 -34.52 -16.00
CA SER A 248 -10.41 -35.69 -16.67
C SER A 248 -11.58 -36.28 -15.90
N MET A 249 -11.68 -36.02 -14.60
CA MET A 249 -12.73 -36.58 -13.77
C MET A 249 -13.71 -35.57 -13.21
N LEU A 250 -13.44 -34.28 -13.34
CA LEU A 250 -14.40 -33.28 -12.87
C LEU A 250 -15.52 -33.10 -13.89
N PRO A 251 -16.70 -32.70 -13.44
CA PRO A 251 -17.84 -32.55 -14.37
C PRO A 251 -17.55 -31.52 -15.44
N LYS A 252 -18.01 -31.81 -16.66
CA LYS A 252 -17.79 -30.90 -17.77
C LYS A 252 -18.62 -29.63 -17.64
N ASP A 253 -19.82 -29.73 -17.05
CA ASP A 253 -20.74 -28.61 -16.94
C ASP A 253 -20.55 -27.79 -15.68
N LYS A 254 -19.42 -27.95 -15.00
CA LYS A 254 -19.14 -27.19 -13.79
C LYS A 254 -17.74 -26.61 -13.84
N PRO A 255 -17.51 -25.48 -13.18
CA PRO A 255 -16.20 -24.81 -13.29
C PRO A 255 -15.08 -25.59 -12.62
N ARG A 256 -13.87 -25.41 -13.16
CA ARG A 256 -12.65 -25.93 -12.57
C ARG A 256 -11.79 -24.76 -12.12
N TYR A 257 -11.58 -24.65 -10.81
CA TYR A 257 -10.84 -23.56 -10.19
C TYR A 257 -9.49 -24.09 -9.74
N LEU A 258 -8.42 -23.56 -10.33
CA LEU A 258 -7.06 -23.99 -10.01
C LEU A 258 -6.42 -22.95 -9.09
N MET A 259 -6.08 -23.36 -7.87
CA MET A 259 -5.63 -22.44 -6.83
C MET A 259 -4.12 -22.27 -6.85
N GLY A 260 -3.67 -21.04 -6.66
CA GLY A 260 -2.27 -20.75 -6.51
C GLY A 260 -1.44 -20.84 -7.77
N VAL A 261 -1.98 -20.41 -8.90
CA VAL A 261 -1.30 -20.48 -10.19
C VAL A 261 -1.47 -19.14 -10.89
N GLY A 262 -0.35 -18.49 -11.22
CA GLY A 262 -0.41 -17.17 -11.81
C GLY A 262 0.66 -16.91 -12.86
N TYR A 263 1.66 -17.79 -12.96
CA TYR A 263 2.67 -17.64 -13.99
C TYR A 263 2.03 -17.76 -15.37
N ALA A 264 2.52 -16.94 -16.31
CA ALA A 264 1.87 -16.82 -17.61
C ALA A 264 1.79 -18.15 -18.34
N THR A 265 2.93 -18.84 -18.46
CA THR A 265 2.94 -20.13 -19.16
C THR A 265 2.06 -21.15 -18.45
N ASP A 266 2.05 -21.13 -17.11
CA ASP A 266 1.19 -22.02 -16.35
C ASP A 266 -0.28 -21.78 -16.69
N LEU A 267 -0.68 -20.50 -16.81
CA LEU A 267 -2.08 -20.19 -17.08
C LEU A 267 -2.51 -20.71 -18.44
N VAL A 268 -1.68 -20.51 -19.47
CA VAL A 268 -2.06 -20.93 -20.82
C VAL A 268 -2.15 -22.45 -20.91
N VAL A 269 -1.16 -23.15 -20.37
CA VAL A 269 -1.16 -24.62 -20.43
C VAL A 269 -2.34 -25.18 -19.65
N CYS A 270 -2.62 -24.61 -18.48
CA CYS A 270 -3.70 -25.15 -17.65
C CYS A 270 -5.08 -24.84 -18.24
N VAL A 271 -5.20 -23.76 -19.00
CA VAL A 271 -6.42 -23.53 -19.76
C VAL A 271 -6.59 -24.60 -20.83
N ALA A 272 -5.50 -25.00 -21.47
CA ALA A 272 -5.56 -26.05 -22.48
C ALA A 272 -5.90 -27.41 -21.88
N LEU A 273 -5.70 -27.59 -20.57
CA LEU A 273 -6.03 -28.84 -19.92
C LEU A 273 -7.44 -28.86 -19.35
N GLY A 274 -8.15 -27.74 -19.37
CA GLY A 274 -9.53 -27.69 -18.96
C GLY A 274 -9.87 -26.88 -17.72
N CYS A 275 -8.98 -25.98 -17.28
CA CYS A 275 -9.25 -25.15 -16.12
C CYS A 275 -9.93 -23.86 -16.53
N ASP A 276 -10.78 -23.35 -15.64
CA ASP A 276 -11.58 -22.15 -15.91
C ASP A 276 -11.23 -20.96 -15.02
N MET A 277 -10.79 -21.19 -13.79
CA MET A 277 -10.57 -20.11 -12.83
C MET A 277 -9.19 -20.26 -12.19
N PHE A 278 -8.58 -19.11 -11.92
CA PHE A 278 -7.23 -19.08 -11.35
C PHE A 278 -7.13 -17.94 -10.34
N ASP A 279 -6.21 -18.11 -9.39
CA ASP A 279 -5.85 -17.05 -8.46
C ASP A 279 -4.41 -17.25 -8.03
N CYS A 280 -3.71 -16.14 -7.78
CA CYS A 280 -2.36 -16.19 -7.24
C CYS A 280 -1.98 -14.79 -6.78
N VAL A 281 -0.94 -14.73 -5.95
CA VAL A 281 -0.37 -13.46 -5.51
C VAL A 281 0.80 -13.10 -6.43
N TYR A 282 0.94 -13.86 -7.51
CA TYR A 282 2.05 -13.67 -8.44
C TYR A 282 2.16 -12.25 -8.98
N PRO A 283 1.10 -11.59 -9.46
CA PRO A 283 1.26 -10.19 -9.90
C PRO A 283 1.70 -9.26 -8.78
N THR A 284 1.14 -9.42 -7.59
CA THR A 284 1.53 -8.57 -6.46
C THR A 284 2.96 -8.87 -6.00
N ARG A 285 3.30 -10.16 -5.89
CA ARG A 285 4.65 -10.54 -5.47
C ARG A 285 5.69 -10.07 -6.48
N THR A 286 5.38 -10.20 -7.77
CA THR A 286 6.32 -9.76 -8.80
C THR A 286 6.63 -8.28 -8.69
N ALA A 287 5.66 -7.47 -8.26
CA ALA A 287 5.89 -6.04 -8.12
C ALA A 287 6.77 -5.73 -6.92
N ARG A 288 6.68 -6.52 -5.84
CA ARG A 288 7.56 -6.33 -4.70
C ARG A 288 9.03 -6.49 -5.06
N PHE A 289 9.33 -7.21 -6.15
CA PHE A 289 10.70 -7.41 -6.60
C PHE A 289 11.10 -6.46 -7.72
N GLY A 290 10.29 -5.42 -7.97
CA GLY A 290 10.62 -4.45 -8.99
C GLY A 290 10.51 -4.94 -10.41
N SER A 291 9.69 -5.96 -10.66
CA SER A 291 9.55 -6.56 -11.98
C SER A 291 8.17 -6.27 -12.54
N ALA A 292 8.12 -6.01 -13.85
CA ALA A 292 6.87 -5.75 -14.56
C ALA A 292 6.62 -6.86 -15.58
N LEU A 293 5.40 -7.41 -15.57
CA LEU A 293 5.07 -8.51 -16.45
C LEU A 293 4.95 -8.04 -17.90
N VAL A 294 5.63 -8.71 -18.81
CA VAL A 294 5.62 -8.38 -20.23
C VAL A 294 5.48 -9.66 -21.04
N PRO A 295 5.12 -9.55 -22.32
CA PRO A 295 4.94 -10.77 -23.14
C PRO A 295 6.20 -11.59 -23.33
N THR A 296 7.38 -11.07 -23.00
CA THR A 296 8.63 -11.81 -23.13
C THR A 296 9.16 -12.29 -21.78
N GLY A 297 8.35 -12.23 -20.72
CA GLY A 297 8.78 -12.60 -19.40
C GLY A 297 8.47 -11.51 -18.40
N ASN A 298 9.51 -10.87 -17.87
CA ASN A 298 9.34 -9.69 -17.02
C ASN A 298 10.51 -8.76 -17.22
N LEU A 299 10.30 -7.49 -16.91
CA LEU A 299 11.35 -6.47 -16.93
C LEU A 299 11.83 -6.24 -15.51
N GLN A 300 13.12 -6.48 -15.26
CA GLN A 300 13.71 -6.23 -13.96
C GLN A 300 14.12 -4.76 -13.91
N LEU A 301 13.20 -3.91 -13.46
CA LEU A 301 13.34 -2.47 -13.57
C LEU A 301 14.33 -1.88 -12.57
N LYS A 302 14.80 -2.66 -11.60
CA LYS A 302 15.84 -2.18 -10.71
C LYS A 302 17.22 -2.17 -11.36
N LYS A 303 17.37 -2.79 -12.52
CA LYS A 303 18.64 -2.80 -13.22
C LYS A 303 18.94 -1.44 -13.82
N LYS A 304 20.23 -1.08 -13.86
CA LYS A 304 20.64 0.24 -14.31
C LYS A 304 20.38 0.46 -15.80
N GLN A 305 20.17 -0.61 -16.58
CA GLN A 305 19.96 -0.46 -18.02
C GLN A 305 18.64 0.21 -18.35
N TYR A 306 17.76 0.42 -17.37
CA TYR A 306 16.49 1.08 -17.57
C TYR A 306 16.46 2.51 -17.04
N ALA A 307 17.57 2.98 -16.46
CA ALA A 307 17.58 4.31 -15.87
C ALA A 307 17.36 5.42 -16.89
N LYS A 308 17.67 5.17 -18.16
CA LYS A 308 17.45 6.16 -19.22
C LYS A 308 16.54 5.64 -20.31
N ASP A 309 15.70 4.64 -20.00
CA ASP A 309 14.72 4.12 -20.95
C ASP A 309 13.41 4.86 -20.71
N PHE A 310 13.06 5.77 -21.63
CA PHE A 310 11.92 6.66 -21.47
C PHE A 310 10.71 6.19 -22.27
N SER A 311 10.56 4.89 -22.44
CA SER A 311 9.39 4.27 -23.05
C SER A 311 8.53 3.64 -21.97
N PRO A 312 7.27 3.32 -22.27
CA PRO A 312 6.45 2.62 -21.28
C PRO A 312 6.97 1.22 -21.03
N ILE A 313 6.38 0.57 -20.01
CA ILE A 313 6.66 -0.84 -19.78
C ILE A 313 6.32 -1.65 -21.03
N ASN A 314 5.16 -1.39 -21.61
CA ASN A 314 4.69 -2.04 -22.82
C ASN A 314 3.90 -1.02 -23.62
N PRO A 315 4.31 -0.71 -24.85
CA PRO A 315 3.58 0.29 -25.64
C PRO A 315 2.20 -0.14 -26.08
N GLU A 316 1.88 -1.43 -25.97
CA GLU A 316 0.57 -1.95 -26.36
C GLU A 316 -0.36 -2.17 -25.17
N CYS A 317 0.09 -1.85 -23.95
CA CYS A 317 -0.73 -2.06 -22.76
C CYS A 317 -1.51 -0.80 -22.44
N PRO A 318 -2.84 -0.89 -22.26
CA PRO A 318 -3.64 0.31 -22.02
C PRO A 318 -3.85 0.63 -20.54
N CYS A 319 -3.03 0.07 -19.66
CA CYS A 319 -3.20 0.30 -18.24
C CYS A 319 -2.77 1.72 -17.87
N PRO A 320 -3.26 2.25 -16.75
CA PRO A 320 -2.88 3.61 -16.35
C PRO A 320 -1.39 3.81 -16.21
N THR A 321 -0.67 2.83 -15.65
CA THR A 321 0.77 2.98 -15.45
C THR A 321 1.50 3.17 -16.78
N CYS A 322 1.07 2.46 -17.82
CA CYS A 322 1.71 2.59 -19.12
C CYS A 322 1.26 3.84 -19.88
N GLN A 323 0.29 4.58 -19.36
CA GLN A 323 -0.08 5.86 -19.94
C GLN A 323 0.71 7.02 -19.33
N THR A 324 1.16 6.89 -18.07
CA THR A 324 1.74 8.00 -17.34
C THR A 324 3.18 7.78 -16.90
N HIS A 325 3.68 6.54 -16.88
CA HIS A 325 4.99 6.24 -16.32
C HIS A 325 5.87 5.57 -17.36
N SER A 326 7.11 6.06 -17.47
CA SER A 326 8.14 5.40 -18.25
C SER A 326 8.91 4.40 -17.38
N ARG A 327 9.72 3.58 -18.04
CA ARG A 327 10.59 2.66 -17.30
C ARG A 327 11.61 3.43 -16.45
N ALA A 328 12.13 4.54 -16.99
CA ALA A 328 13.11 5.32 -16.26
C ALA A 328 12.53 5.91 -14.99
N PHE A 329 11.29 6.39 -15.06
CA PHE A 329 10.64 6.94 -13.88
C PHE A 329 10.43 5.87 -12.81
N LEU A 330 9.92 4.70 -13.23
CA LEU A 330 9.72 3.60 -12.28
C LEU A 330 11.05 3.10 -11.72
N HIS A 331 12.09 3.09 -12.54
CA HIS A 331 13.42 2.75 -12.04
C HIS A 331 13.87 3.70 -10.95
N ALA A 332 13.63 5.00 -11.13
CA ALA A 332 14.02 5.98 -10.12
C ALA A 332 13.20 5.81 -8.84
N LEU A 333 11.90 5.54 -8.98
CA LEU A 333 11.05 5.37 -7.81
C LEU A 333 11.42 4.11 -7.02
N LEU A 334 11.87 3.06 -7.69
CA LEU A 334 12.22 1.82 -7.00
C LEU A 334 13.42 1.98 -6.06
N HIS A 335 14.18 3.06 -6.20
CA HIS A 335 15.36 3.30 -5.38
C HIS A 335 15.19 4.43 -4.37
N SER A 336 14.05 5.13 -4.40
CA SER A 336 13.84 6.23 -3.46
C SER A 336 12.46 6.16 -2.82
N ASP A 337 11.41 6.07 -3.64
CA ASP A 337 10.03 6.00 -3.17
C ASP A 337 9.45 4.63 -3.53
N ASN A 338 9.94 3.60 -2.83
CA ASN A 338 9.60 2.22 -3.21
C ASN A 338 8.11 1.95 -3.08
N THR A 339 7.45 2.54 -2.09
CA THR A 339 6.03 2.26 -1.87
C THR A 339 5.19 2.77 -3.03
N THR A 340 5.57 3.91 -3.62
CA THR A 340 4.82 4.41 -4.77
C THR A 340 5.05 3.57 -6.00
N ALA A 341 6.24 3.00 -6.16
CA ALA A 341 6.52 2.17 -7.32
C ALA A 341 5.77 0.85 -7.24
N LEU A 342 5.59 0.31 -6.03
CA LEU A 342 4.81 -0.91 -5.87
C LEU A 342 3.36 -0.71 -6.29
N HIS A 343 2.81 0.49 -6.07
CA HIS A 343 1.44 0.75 -6.45
C HIS A 343 1.26 0.71 -7.97
N HIS A 344 2.18 1.36 -8.70
CA HIS A 344 2.03 1.45 -10.15
C HIS A 344 2.43 0.15 -10.85
N LEU A 345 3.40 -0.59 -10.30
CA LEU A 345 3.74 -1.88 -10.86
C LEU A 345 2.62 -2.90 -10.64
N THR A 346 1.94 -2.82 -9.51
CA THR A 346 0.85 -3.75 -9.23
C THR A 346 -0.35 -3.48 -10.14
N VAL A 347 -0.65 -2.20 -10.38
CA VAL A 347 -1.70 -1.85 -11.33
C VAL A 347 -1.41 -2.47 -12.70
N HIS A 348 -0.16 -2.37 -13.15
CA HIS A 348 0.19 -2.92 -14.46
C HIS A 348 0.19 -4.44 -14.44
N ASN A 349 0.74 -5.05 -13.38
CA ASN A 349 0.86 -6.49 -13.34
C ASN A 349 -0.51 -7.16 -13.27
N ILE A 350 -1.46 -6.54 -12.55
CA ILE A 350 -2.83 -7.05 -12.55
C ILE A 350 -3.46 -6.91 -13.92
N ALA A 351 -3.23 -5.76 -14.58
CA ALA A 351 -3.78 -5.56 -15.92
C ALA A 351 -3.25 -6.60 -16.89
N TYR A 352 -1.97 -6.94 -16.80
CA TYR A 352 -1.40 -7.97 -17.66
C TYR A 352 -2.12 -9.30 -17.48
N GLN A 353 -2.39 -9.68 -16.24
CA GLN A 353 -3.12 -10.93 -15.98
C GLN A 353 -4.48 -10.93 -16.66
N LEU A 354 -5.23 -9.82 -16.50
CA LEU A 354 -6.57 -9.76 -17.09
C LEU A 354 -6.51 -9.73 -18.61
N GLN A 355 -5.50 -9.06 -19.18
CA GLN A 355 -5.37 -9.02 -20.64
C GLN A 355 -4.97 -10.38 -21.20
N LEU A 356 -4.08 -11.09 -20.51
CA LEU A 356 -3.64 -12.41 -20.98
C LEU A 356 -4.82 -13.36 -21.13
N LEU A 357 -5.66 -13.47 -20.11
CA LEU A 357 -6.77 -14.42 -20.16
C LEU A 357 -7.90 -13.92 -21.07
N SER A 358 -8.07 -12.61 -21.20
CA SER A 358 -9.01 -12.08 -22.18
C SER A 358 -8.59 -12.49 -23.60
N ALA A 359 -7.30 -12.38 -23.90
CA ALA A 359 -6.80 -12.82 -25.20
C ALA A 359 -6.96 -14.32 -25.37
N VAL A 360 -6.65 -15.09 -24.32
CA VAL A 360 -6.89 -16.54 -24.34
C VAL A 360 -8.35 -16.83 -24.69
N ARG A 361 -9.27 -16.17 -23.97
CA ARG A 361 -10.69 -16.43 -24.18
C ARG A 361 -11.13 -16.04 -25.58
N SER A 362 -10.61 -14.93 -26.11
CA SER A 362 -11.01 -14.49 -27.45
C SER A 362 -10.56 -15.48 -28.51
N SER A 363 -9.35 -16.03 -28.38
CA SER A 363 -8.87 -17.00 -29.34
C SER A 363 -9.71 -18.28 -29.33
N ILE A 364 -10.24 -18.65 -28.16
CA ILE A 364 -11.13 -19.82 -28.10
C ILE A 364 -12.42 -19.54 -28.86
N LEU A 365 -13.02 -18.36 -28.62
CA LEU A 365 -14.21 -17.98 -29.37
C LEU A 365 -13.95 -17.94 -30.86
N GLU A 366 -12.77 -17.46 -31.27
CA GLU A 366 -12.41 -17.39 -32.68
C GLU A 366 -11.92 -18.71 -33.24
N GLN A 367 -12.02 -19.80 -32.47
CA GLN A 367 -11.61 -21.14 -32.92
C GLN A 367 -10.16 -21.14 -33.40
N ARG A 368 -9.30 -20.46 -32.66
CA ARG A 368 -7.88 -20.33 -33.02
C ARG A 368 -7.02 -20.34 -31.76
N PHE A 369 -7.27 -21.30 -30.88
CA PHE A 369 -6.52 -21.38 -29.62
C PHE A 369 -5.16 -22.03 -29.81
N PRO A 370 -5.03 -23.12 -30.60
CA PRO A 370 -3.68 -23.63 -30.87
C PRO A 370 -2.74 -22.59 -31.49
N ASP A 371 -3.25 -21.76 -32.40
CA ASP A 371 -2.41 -20.73 -33.00
C ASP A 371 -2.05 -19.65 -31.99
N PHE A 372 -2.96 -19.34 -31.05
CA PHE A 372 -2.63 -18.41 -29.99
C PHE A 372 -1.47 -18.92 -29.14
N VAL A 373 -1.53 -20.20 -28.76
CA VAL A 373 -0.49 -20.78 -27.91
C VAL A 373 0.85 -20.80 -28.62
N ARG A 374 0.87 -21.16 -29.91
CA ARG A 374 2.11 -21.18 -30.66
C ARG A 374 2.75 -19.79 -30.70
N ASN A 375 1.96 -18.75 -30.91
CA ASN A 375 2.49 -17.39 -30.90
C ASN A 375 2.92 -16.99 -29.49
N PHE A 376 2.17 -17.43 -28.48
CA PHE A 376 2.51 -17.08 -27.10
C PHE A 376 3.84 -17.72 -26.68
N MET A 377 4.04 -18.99 -27.04
CA MET A 377 5.30 -19.65 -26.71
C MET A 377 6.46 -19.05 -27.50
N ARG A 378 6.20 -18.66 -28.76
CA ARG A 378 7.23 -18.03 -29.58
C ARG A 378 7.71 -16.72 -28.94
N THR A 379 6.77 -15.88 -28.52
CA THR A 379 7.15 -14.59 -27.92
C THR A 379 7.80 -14.78 -26.56
N MET A 380 7.31 -15.73 -25.76
CA MET A 380 7.79 -15.87 -24.39
C MET A 380 9.21 -16.42 -24.35
N TYR A 381 9.49 -17.47 -25.12
CA TYR A 381 10.76 -18.17 -25.01
C TYR A 381 11.65 -18.07 -26.25
N GLY A 382 11.07 -17.89 -27.43
CA GLY A 382 11.89 -17.68 -28.62
C GLY A 382 11.77 -18.76 -29.68
N ASP A 383 11.84 -20.02 -29.26
CA ASP A 383 11.86 -21.14 -30.19
C ASP A 383 11.59 -22.42 -29.42
N HIS A 384 11.09 -23.42 -30.14
CA HIS A 384 10.75 -24.70 -29.52
C HIS A 384 11.90 -25.30 -28.72
N SER A 385 13.13 -25.09 -29.16
CA SER A 385 14.28 -25.64 -28.46
C SER A 385 14.45 -25.03 -27.07
N LEU A 386 13.96 -23.80 -26.87
CA LEU A 386 14.16 -23.09 -25.61
C LEU A 386 12.93 -23.11 -24.72
N CYS A 387 11.82 -23.68 -25.17
CA CYS A 387 10.65 -23.79 -24.33
C CYS A 387 10.89 -24.83 -23.22
N PRO A 388 10.28 -24.65 -22.06
CA PRO A 388 10.42 -25.66 -20.99
C PRO A 388 9.82 -26.98 -21.44
N ALA A 389 10.58 -28.06 -21.20
CA ALA A 389 10.18 -29.38 -21.68
C ALA A 389 8.81 -29.79 -21.14
N TRP A 390 8.51 -29.41 -19.88
CA TRP A 390 7.26 -29.83 -19.28
C TRP A 390 6.06 -29.21 -20.00
N ALA A 391 6.20 -27.98 -20.50
CA ALA A 391 5.10 -27.32 -21.19
C ALA A 391 4.90 -27.89 -22.59
N VAL A 392 5.99 -28.26 -23.26
CA VAL A 392 5.88 -28.87 -24.58
C VAL A 392 5.16 -30.21 -24.49
N GLU A 393 5.48 -31.01 -23.46
CA GLU A 393 4.83 -32.30 -23.30
C GLU A 393 3.36 -32.14 -22.90
N ALA A 394 3.06 -31.20 -22.00
CA ALA A 394 1.69 -30.98 -21.58
C ALA A 394 0.80 -30.56 -22.74
N LEU A 395 1.26 -29.58 -23.53
CA LEU A 395 0.50 -29.13 -24.68
C LEU A 395 0.33 -30.24 -25.71
N ALA A 396 1.35 -31.09 -25.87
CA ALA A 396 1.24 -32.21 -26.81
C ALA A 396 0.21 -33.23 -26.35
N SER A 397 0.01 -33.37 -25.04
CA SER A 397 -0.98 -34.33 -24.55
C SER A 397 -2.39 -33.96 -25.01
N VAL A 398 -2.64 -32.68 -25.27
CA VAL A 398 -3.94 -32.20 -25.75
C VAL A 398 -3.88 -31.79 -27.21
N GLY A 399 -2.83 -32.17 -27.94
CA GLY A 399 -2.80 -31.97 -29.38
C GLY A 399 -2.37 -30.60 -29.85
N ILE A 400 -1.63 -29.85 -29.05
CA ILE A 400 -1.07 -28.57 -29.47
C ILE A 400 0.43 -28.76 -29.71
N MET A 401 0.83 -28.74 -30.97
CA MET A 401 2.21 -28.95 -31.36
C MET A 401 2.88 -27.61 -31.67
N LEU A 402 4.11 -27.46 -31.20
CA LEU A 402 4.91 -26.27 -31.51
C LEU A 402 5.84 -26.53 -32.68
N SER B 12 -1.60 46.12 6.13
CA SER B 12 -1.43 44.72 6.49
C SER B 12 -2.60 43.88 5.98
N ALA B 13 -2.28 42.73 5.39
CA ALA B 13 -3.30 41.83 4.89
C ALA B 13 -3.90 41.03 6.04
N PRO B 14 -5.09 40.45 5.85
CA PRO B 14 -5.67 39.61 6.90
C PRO B 14 -4.77 38.44 7.25
N ARG B 15 -4.69 38.13 8.54
CA ARG B 15 -3.85 37.05 9.04
C ARG B 15 -4.63 35.74 9.08
N ILE B 16 -3.95 34.64 8.77
CA ILE B 16 -4.59 33.33 8.76
C ILE B 16 -4.45 32.59 10.07
N MET B 17 -3.58 33.05 10.97
CA MET B 17 -3.35 32.41 12.25
C MET B 17 -3.87 33.30 13.37
N ARG B 18 -4.61 32.70 14.31
CA ARG B 18 -5.07 33.38 15.51
C ARG B 18 -4.35 32.78 16.71
N LEU B 19 -3.65 33.62 17.46
CA LEU B 19 -2.97 33.15 18.66
C LEU B 19 -3.98 32.94 19.78
N VAL B 20 -4.05 31.72 20.31
CA VAL B 20 -5.03 31.37 21.33
C VAL B 20 -4.42 31.38 22.72
N ALA B 21 -3.22 30.86 22.86
CA ALA B 21 -2.52 30.86 24.15
C ALA B 21 -1.02 30.78 23.91
N GLU B 22 -0.26 31.21 24.91
CA GLU B 22 1.19 31.17 24.87
C GLU B 22 1.73 30.64 26.19
N CYS B 23 2.92 30.06 26.14
CA CYS B 23 3.62 29.66 27.35
C CYS B 23 4.37 30.86 27.92
N SER B 24 4.26 31.05 29.25
CA SER B 24 4.83 32.24 29.87
C SER B 24 6.35 32.15 29.96
N ARG B 25 6.90 30.95 30.11
CA ARG B 25 8.35 30.78 30.22
C ARG B 25 9.02 30.65 28.85
N SER B 26 8.46 29.83 27.97
CA SER B 26 9.09 29.51 26.70
C SER B 26 8.33 30.17 25.55
N GLY B 27 8.74 29.84 24.32
CA GLY B 27 8.13 30.35 23.11
C GLY B 27 6.99 29.52 22.55
N ALA B 28 6.47 28.55 23.32
CA ALA B 28 5.47 27.65 22.78
C ALA B 28 4.16 28.40 22.53
N ARG B 29 3.57 28.17 21.37
CA ARG B 29 2.36 28.84 20.95
C ARG B 29 1.26 27.82 20.67
N ALA B 30 0.03 28.18 21.03
CA ALA B 30 -1.16 27.43 20.65
C ALA B 30 -2.08 28.35 19.87
N GLY B 31 -2.40 27.97 18.64
CA GLY B 31 -3.28 28.76 17.82
C GLY B 31 -4.13 27.94 16.87
N GLU B 32 -4.78 28.62 15.93
CA GLU B 32 -5.54 27.93 14.89
C GLU B 32 -5.38 28.70 13.57
N LEU B 33 -5.38 27.95 12.48
CA LEU B 33 -5.27 28.52 11.14
C LEU B 33 -6.66 28.60 10.51
N ARG B 34 -6.99 29.74 9.94
CA ARG B 34 -8.23 29.92 9.20
C ARG B 34 -7.92 29.70 7.72
N LEU B 35 -8.29 28.52 7.22
CA LEU B 35 -8.04 28.10 5.86
C LEU B 35 -9.36 27.85 5.14
N PRO B 36 -9.37 27.89 3.79
CA PRO B 36 -10.64 27.78 3.06
C PRO B 36 -11.42 26.51 3.34
N HIS B 37 -10.74 25.40 3.65
CA HIS B 37 -11.41 24.13 3.89
C HIS B 37 -11.57 23.81 5.37
N GLY B 38 -11.53 24.82 6.23
CA GLY B 38 -11.77 24.60 7.65
C GLY B 38 -10.63 25.03 8.54
N THR B 39 -10.90 25.21 9.82
CA THR B 39 -9.87 25.61 10.76
C THR B 39 -8.95 24.44 11.09
N VAL B 40 -7.73 24.76 11.49
CA VAL B 40 -6.71 23.77 11.82
C VAL B 40 -6.05 24.19 13.13
N ALA B 41 -6.14 23.33 14.15
CA ALA B 41 -5.52 23.62 15.43
C ALA B 41 -4.01 23.45 15.35
N THR B 42 -3.27 24.43 15.85
CA THR B 42 -1.81 24.40 15.88
C THR B 42 -1.31 24.44 17.32
N PRO B 43 -0.16 23.82 17.61
CA PRO B 43 0.77 23.09 16.73
C PRO B 43 0.16 21.84 16.11
N VAL B 44 0.56 21.52 14.88
CA VAL B 44 -0.02 20.43 14.11
C VAL B 44 1.06 19.72 13.32
N PHE B 45 0.97 18.39 13.28
CA PHE B 45 1.80 17.57 12.40
C PHE B 45 0.97 17.19 11.19
N MET B 46 1.54 17.39 10.00
CA MET B 46 0.82 17.13 8.76
C MET B 46 1.40 15.90 8.08
N PRO B 47 0.68 14.78 8.03
CA PRO B 47 1.20 13.59 7.37
C PRO B 47 1.22 13.77 5.85
N VAL B 48 2.08 13.00 5.20
CA VAL B 48 2.20 13.04 3.75
C VAL B 48 1.09 12.18 3.17
N GLY B 49 0.13 12.83 2.49
CA GLY B 49 -1.09 12.13 2.10
C GLY B 49 -0.84 10.96 1.17
N THR B 50 0.05 11.14 0.19
CA THR B 50 0.28 10.07 -0.79
C THR B 50 0.97 8.87 -0.17
N GLN B 51 1.87 9.11 0.79
CA GLN B 51 2.52 8.00 1.47
C GLN B 51 1.51 7.15 2.24
N ALA B 52 0.42 7.77 2.72
CA ALA B 52 -0.63 7.01 3.40
C ALA B 52 -1.56 6.33 2.40
N THR B 53 -1.87 7.01 1.30
CA THR B 53 -2.78 6.47 0.29
C THR B 53 -2.18 5.24 -0.38
N MET B 54 -0.87 5.28 -0.66
CA MET B 54 -0.23 4.13 -1.29
C MET B 54 -0.15 2.92 -0.38
N LYS B 55 -0.47 3.08 0.92
CA LYS B 55 -0.49 1.97 1.86
C LYS B 55 -1.91 1.57 2.27
N GLY B 56 -2.91 1.95 1.47
CA GLY B 56 -4.28 1.58 1.75
C GLY B 56 -5.00 2.41 2.79
N ILE B 57 -4.41 3.49 3.27
CA ILE B 57 -5.10 4.39 4.19
C ILE B 57 -6.04 5.28 3.38
N THR B 58 -7.30 5.34 3.80
CA THR B 58 -8.33 6.06 3.08
C THR B 58 -8.61 7.41 3.74
N THR B 59 -9.35 8.25 3.01
CA THR B 59 -9.76 9.54 3.55
C THR B 59 -10.52 9.38 4.85
N GLU B 60 -11.44 8.41 4.91
CA GLU B 60 -12.26 8.23 6.11
C GLU B 60 -11.40 7.88 7.32
N GLN B 61 -10.44 6.97 7.15
CA GLN B 61 -9.55 6.61 8.24
C GLN B 61 -8.76 7.83 8.73
N LEU B 62 -8.23 8.62 7.80
CA LEU B 62 -7.46 9.80 8.19
C LEU B 62 -8.35 10.85 8.83
N ASP B 63 -9.58 11.02 8.32
CA ASP B 63 -10.52 11.94 8.94
C ASP B 63 -10.91 11.49 10.34
N SER B 64 -11.08 10.18 10.54
CA SER B 64 -11.45 9.66 11.85
C SER B 64 -10.38 9.96 12.89
N LEU B 65 -9.11 9.87 12.50
CA LEU B 65 -8.02 10.18 13.42
C LEU B 65 -7.96 11.65 13.81
N GLY B 66 -8.80 12.50 13.22
CA GLY B 66 -8.82 13.92 13.54
C GLY B 66 -7.96 14.78 12.65
N CYS B 67 -7.33 14.21 11.61
CA CYS B 67 -6.47 14.99 10.74
C CYS B 67 -7.28 15.98 9.91
N ARG B 68 -6.86 17.25 9.95
CA ARG B 68 -7.53 18.30 9.19
C ARG B 68 -6.65 18.94 8.14
N ILE B 69 -5.41 18.50 7.97
CA ILE B 69 -4.52 19.02 6.93
C ILE B 69 -3.41 18.00 6.72
N CYS B 70 -3.05 17.81 5.45
CA CYS B 70 -1.97 16.90 5.08
C CYS B 70 -1.32 17.41 3.81
N LEU B 71 -0.18 16.82 3.46
CA LEU B 71 0.60 17.25 2.32
C LEU B 71 0.25 16.45 1.07
N GLY B 72 0.12 17.15 -0.05
CA GLY B 72 -0.12 16.52 -1.34
C GLY B 72 1.06 16.65 -2.28
N ASN B 73 1.16 15.75 -3.26
CA ASN B 73 2.29 15.73 -4.19
C ASN B 73 2.38 17.04 -4.98
N GLY B 91 -9.78 19.41 -8.89
CA GLY B 91 -8.40 19.61 -8.48
C GLY B 91 -7.84 18.45 -7.68
N LEU B 92 -6.97 18.76 -6.72
CA LEU B 92 -6.35 17.72 -5.91
C LEU B 92 -7.26 17.24 -4.79
N HIS B 93 -8.15 18.11 -4.31
CA HIS B 93 -9.12 17.70 -3.29
C HIS B 93 -10.07 16.63 -3.82
N GLY B 94 -10.52 16.78 -5.07
CA GLY B 94 -11.41 15.79 -5.64
C GLY B 94 -10.70 14.51 -6.04
N PHE B 95 -9.46 14.63 -6.52
CA PHE B 95 -8.70 13.45 -6.91
C PHE B 95 -8.45 12.54 -5.71
N MET B 96 -8.24 13.13 -4.53
CA MET B 96 -8.08 12.36 -3.30
C MET B 96 -9.39 12.09 -2.59
N ASN B 97 -10.45 12.85 -2.92
CA ASN B 97 -11.71 12.82 -2.18
C ASN B 97 -11.47 13.20 -0.71
N TRP B 98 -11.03 14.45 -0.52
CA TRP B 98 -10.57 14.93 0.77
C TRP B 98 -11.33 16.21 1.09
N PRO B 99 -12.10 16.25 2.18
CA PRO B 99 -12.88 17.45 2.51
C PRO B 99 -12.13 18.51 3.30
N HIS B 100 -10.90 18.26 3.72
CA HIS B 100 -10.16 19.18 4.55
C HIS B 100 -9.07 19.87 3.75
N ASN B 101 -8.05 20.38 4.44
CA ASN B 101 -7.04 21.24 3.81
C ASN B 101 -5.88 20.42 3.26
N LEU B 102 -5.17 21.02 2.31
CA LEU B 102 -4.00 20.41 1.69
C LEU B 102 -2.88 21.44 1.61
N LEU B 103 -1.65 20.96 1.78
CA LEU B 103 -0.46 21.77 1.55
C LEU B 103 0.40 21.08 0.49
N THR B 104 0.79 21.84 -0.54
CA THR B 104 1.60 21.31 -1.61
C THR B 104 2.91 22.08 -1.70
N ASP B 105 3.99 21.38 -2.00
CA ASP B 105 5.29 22.01 -2.19
C ASP B 105 5.46 22.41 -3.67
N SER B 106 6.61 23.01 -3.97
CA SER B 106 6.83 23.50 -5.33
C SER B 106 7.16 22.39 -6.31
N GLY B 107 7.77 21.30 -5.84
CA GLY B 107 8.19 20.22 -6.71
C GLY B 107 9.65 20.26 -7.10
N GLY B 108 10.42 21.22 -6.58
CA GLY B 108 11.81 21.34 -6.99
C GLY B 108 12.70 20.27 -6.38
N PHE B 109 12.60 20.07 -5.07
CA PHE B 109 13.47 19.13 -4.38
C PHE B 109 13.32 17.71 -4.91
N GLN B 110 12.12 17.35 -5.35
CA GLN B 110 11.89 16.04 -5.95
C GLN B 110 12.58 15.95 -7.31
N MET B 111 12.01 16.59 -8.31
CA MET B 111 12.58 16.59 -9.65
C MET B 111 13.79 17.52 -9.74
N SER B 118 20.32 16.93 -13.86
CA SER B 118 19.49 18.12 -13.72
C SER B 118 20.34 19.32 -13.30
N GLU B 119 20.12 20.45 -13.96
CA GLU B 119 20.85 21.68 -13.69
C GLU B 119 19.88 22.79 -13.31
N VAL B 120 20.39 23.79 -12.58
CA VAL B 120 19.61 24.92 -12.12
C VAL B 120 20.27 26.21 -12.59
N THR B 121 19.50 27.05 -13.27
CA THR B 121 19.93 28.39 -13.65
C THR B 121 18.92 29.40 -13.08
N GLU B 122 19.09 30.66 -13.47
CA GLU B 122 18.19 31.69 -12.97
C GLU B 122 16.79 31.56 -13.54
N GLU B 123 16.64 30.88 -14.68
CA GLU B 123 15.32 30.71 -15.29
C GLU B 123 14.47 29.72 -14.51
N GLY B 124 15.09 28.74 -13.86
CA GLY B 124 14.36 27.72 -13.14
C GLY B 124 15.17 26.45 -13.04
N VAL B 125 14.47 25.35 -12.82
CA VAL B 125 15.08 24.02 -12.70
C VAL B 125 14.95 23.29 -14.04
N HIS B 126 16.08 22.84 -14.57
CA HIS B 126 16.12 22.14 -15.85
C HIS B 126 16.26 20.64 -15.60
N PHE B 127 15.38 19.86 -16.22
CA PHE B 127 15.41 18.41 -16.04
C PHE B 127 14.79 17.73 -17.25
N ARG B 128 15.03 16.42 -17.34
CA ARG B 128 14.45 15.58 -18.38
C ARG B 128 13.12 15.02 -17.89
N SER B 129 12.07 15.18 -18.70
CA SER B 129 10.74 14.76 -18.30
C SER B 129 10.70 13.27 -17.97
N PRO B 130 9.77 12.86 -17.08
CA PRO B 130 9.62 11.43 -16.79
C PRO B 130 8.63 10.75 -17.73
N TYR B 131 8.56 11.23 -18.97
CA TYR B 131 7.66 10.68 -19.97
C TYR B 131 8.24 10.87 -21.36
N ASP B 132 8.07 12.07 -21.92
CA ASP B 132 8.63 12.36 -23.23
C ASP B 132 10.15 12.28 -23.24
N GLY B 133 10.80 12.40 -22.08
CA GLY B 133 12.24 12.33 -22.01
C GLY B 133 12.98 13.53 -22.57
N GLU B 134 12.28 14.62 -22.84
CA GLU B 134 12.89 15.82 -23.39
C GLU B 134 13.14 16.85 -22.29
N GLU B 135 14.04 17.79 -22.59
CA GLU B 135 14.41 18.81 -21.62
C GLU B 135 13.20 19.66 -21.24
N THR B 136 13.03 19.87 -19.94
CA THR B 136 11.89 20.62 -19.43
C THR B 136 12.40 21.70 -18.47
N LEU B 137 11.55 22.69 -18.21
CA LEU B 137 11.88 23.80 -17.32
C LEU B 137 10.76 24.00 -16.32
N LEU B 138 11.11 24.05 -15.04
CA LEU B 138 10.19 24.41 -13.97
C LEU B 138 10.65 25.75 -13.40
N SER B 139 9.98 26.82 -13.82
CA SER B 139 10.26 28.16 -13.38
C SER B 139 9.42 28.51 -12.16
N PRO B 140 9.79 29.57 -11.41
CA PRO B 140 8.91 30.03 -10.33
C PRO B 140 7.49 30.33 -10.79
N GLU B 141 7.32 30.89 -11.98
CA GLU B 141 5.99 31.15 -12.51
C GLU B 141 5.25 29.85 -12.79
N ARG B 142 5.96 28.85 -13.32
CA ARG B 142 5.33 27.58 -13.66
C ARG B 142 4.95 26.80 -12.40
N SER B 143 5.79 26.87 -11.36
CA SER B 143 5.48 26.19 -10.11
C SER B 143 4.22 26.76 -9.46
N VAL B 144 4.07 28.09 -9.49
CA VAL B 144 2.87 28.71 -8.94
C VAL B 144 1.65 28.36 -9.77
N GLU B 145 1.80 28.33 -11.10
CA GLU B 145 0.67 28.00 -11.97
C GLU B 145 0.18 26.58 -11.75
N ILE B 146 1.11 25.64 -11.54
CA ILE B 146 0.73 24.26 -11.25
C ILE B 146 -0.04 24.21 -9.93
N GLN B 147 0.48 24.87 -8.90
CA GLN B 147 -0.16 24.81 -7.59
C GLN B 147 -1.50 25.55 -7.58
N ASN B 148 -1.65 26.58 -8.42
CA ASN B 148 -2.94 27.24 -8.54
C ASN B 148 -4.00 26.30 -9.09
N ALA B 149 -3.63 25.43 -10.03
CA ALA B 149 -4.60 24.51 -10.62
C ALA B 149 -4.95 23.37 -9.67
N LEU B 150 -4.02 22.99 -8.79
CA LEU B 150 -4.31 21.92 -7.83
C LEU B 150 -5.33 22.36 -6.80
N GLY B 151 -5.38 23.65 -6.48
CA GLY B 151 -6.39 24.15 -5.57
C GLY B 151 -6.10 23.95 -4.10
N SER B 152 -4.86 23.67 -3.74
CA SER B 152 -4.52 23.47 -2.34
C SER B 152 -4.63 24.78 -1.56
N ASP B 153 -4.69 24.66 -0.23
CA ASP B 153 -4.92 25.80 0.63
C ASP B 153 -3.64 26.54 0.99
N ILE B 154 -2.51 25.83 1.10
CA ILE B 154 -1.21 26.44 1.32
C ILE B 154 -0.28 25.97 0.20
N ILE B 155 0.48 26.90 -0.37
CA ILE B 155 1.40 26.59 -1.45
C ILE B 155 2.79 27.11 -1.07
N MET B 156 3.81 26.39 -1.52
CA MET B 156 5.19 26.69 -1.19
C MET B 156 5.89 27.30 -2.39
N GLN B 157 6.70 28.33 -2.14
CA GLN B 157 7.50 28.94 -3.19
C GLN B 157 8.48 27.92 -3.77
N LEU B 158 8.96 28.22 -4.98
CA LEU B 158 10.06 27.46 -5.57
C LEU B 158 11.38 28.04 -5.07
N ASP B 159 12.25 27.17 -4.58
CA ASP B 159 13.55 27.57 -4.06
C ASP B 159 14.65 26.79 -4.76
N HIS B 160 15.87 27.25 -4.59
CA HIS B 160 17.05 26.61 -5.17
C HIS B 160 17.88 26.01 -4.04
N VAL B 161 17.79 24.70 -3.89
CA VAL B 161 18.54 23.97 -2.88
C VAL B 161 19.74 23.31 -3.55
N VAL B 162 20.89 23.38 -2.89
CA VAL B 162 22.12 22.77 -3.38
C VAL B 162 22.50 21.60 -2.49
N SER B 163 23.27 20.69 -3.04
CA SER B 163 23.74 19.52 -2.32
C SER B 163 24.60 19.89 -1.12
N THR B 167 28.92 23.25 -1.16
CA THR B 167 29.76 23.59 -0.03
C THR B 167 30.31 25.00 -0.16
N GLY B 168 30.86 25.31 -1.33
CA GLY B 168 31.59 26.54 -1.55
C GLY B 168 30.70 27.76 -1.61
N PRO B 169 31.15 28.80 -2.32
CA PRO B 169 30.38 30.05 -2.39
C PRO B 169 29.12 29.96 -3.24
N LEU B 170 28.81 28.79 -3.81
CA LEU B 170 27.56 28.59 -4.52
C LEU B 170 26.37 28.48 -3.58
N VAL B 171 26.60 28.27 -2.28
CA VAL B 171 25.48 28.18 -1.34
C VAL B 171 24.86 29.56 -1.12
N GLU B 172 25.69 30.59 -1.00
CA GLU B 172 25.15 31.93 -0.83
C GLU B 172 24.47 32.43 -2.10
N GLU B 173 24.92 31.97 -3.26
CA GLU B 173 24.28 32.36 -4.51
C GLU B 173 22.89 31.74 -4.63
N ALA B 174 22.73 30.51 -4.16
CA ALA B 174 21.41 29.88 -4.17
C ALA B 174 20.46 30.56 -3.19
N MET B 175 20.98 31.09 -2.09
CA MET B 175 20.13 31.81 -1.13
C MET B 175 19.59 33.10 -1.75
N HIS B 176 20.46 33.87 -2.42
CA HIS B 176 19.99 35.10 -3.06
C HIS B 176 19.08 34.81 -4.24
N ARG B 177 19.30 33.70 -4.95
CA ARG B 177 18.37 33.30 -6.00
C ARG B 177 17.02 32.88 -5.43
N SER B 178 17.02 32.26 -4.24
CA SER B 178 15.76 31.87 -3.62
C SER B 178 14.93 33.10 -3.24
N VAL B 179 15.58 34.19 -2.87
CA VAL B 179 14.86 35.43 -2.56
C VAL B 179 14.26 36.03 -3.83
N ARG B 180 15.05 36.07 -4.91
CA ARG B 180 14.54 36.56 -6.19
C ARG B 180 13.40 35.68 -6.71
N TRP B 181 13.52 34.36 -6.51
CA TRP B 181 12.46 33.45 -6.91
C TRP B 181 11.19 33.69 -6.11
N LEU B 182 11.32 34.06 -4.84
CA LEU B 182 10.15 34.34 -4.02
C LEU B 182 9.34 35.50 -4.60
N ASP B 183 10.02 36.58 -4.99
CA ASP B 183 9.31 37.74 -5.56
C ASP B 183 8.60 37.37 -6.86
N ARG B 184 9.18 36.48 -7.66
CA ARG B 184 8.52 36.07 -8.90
C ARG B 184 7.32 35.19 -8.60
N CYS B 185 7.40 34.35 -7.56
CA CYS B 185 6.25 33.58 -7.13
C CYS B 185 5.11 34.48 -6.66
N ILE B 186 5.45 35.51 -5.87
CA ILE B 186 4.42 36.43 -5.36
C ILE B 186 3.72 37.15 -6.50
N ALA B 187 4.49 37.60 -7.50
CA ALA B 187 3.90 38.28 -8.64
C ALA B 187 3.03 37.35 -9.49
N ALA B 188 3.41 36.07 -9.58
CA ALA B 188 2.67 35.11 -10.38
C ALA B 188 1.45 34.54 -9.66
N HIS B 189 1.37 34.68 -8.34
CA HIS B 189 0.25 34.16 -7.58
C HIS B 189 -0.89 35.18 -7.62
N LYS B 190 -1.94 34.86 -8.38
CA LYS B 190 -3.04 35.79 -8.62
C LYS B 190 -4.31 35.39 -7.86
N HIS B 191 -4.15 34.76 -6.70
CA HIS B 191 -5.29 34.40 -5.87
C HIS B 191 -4.92 34.38 -4.39
N PRO B 192 -4.50 35.51 -3.81
CA PRO B 192 -4.11 35.50 -2.40
C PRO B 192 -5.26 35.24 -1.45
N ASP B 193 -6.51 35.36 -1.90
CA ASP B 193 -7.67 35.12 -1.05
C ASP B 193 -8.17 33.69 -1.12
N LYS B 194 -7.61 32.87 -2.02
CA LYS B 194 -7.96 31.46 -2.12
C LYS B 194 -6.84 30.52 -1.73
N GLN B 195 -5.58 30.94 -1.89
CA GLN B 195 -4.42 30.13 -1.57
C GLN B 195 -3.40 30.97 -0.84
N ASN B 196 -2.63 30.32 0.03
CA ASN B 196 -1.67 31.00 0.90
C ASN B 196 -0.27 30.58 0.50
N LEU B 197 0.55 31.55 0.06
CA LEU B 197 1.91 31.29 -0.38
C LEU B 197 2.87 31.45 0.78
N PHE B 198 3.68 30.43 1.02
CA PHE B 198 4.69 30.44 2.08
C PHE B 198 6.07 30.61 1.48
N ALA B 199 6.88 31.45 2.12
CA ALA B 199 8.29 31.53 1.80
C ALA B 199 9.06 30.44 2.55
N ILE B 200 10.26 30.13 2.06
CA ILE B 200 11.10 29.10 2.63
C ILE B 200 12.44 29.73 3.01
N ILE B 201 12.74 29.75 4.31
CA ILE B 201 14.00 30.32 4.79
C ILE B 201 15.14 29.38 4.41
N GLN B 202 16.20 29.95 3.86
CA GLN B 202 17.37 29.21 3.41
C GLN B 202 18.54 29.44 4.37
N GLY B 203 19.69 28.88 4.01
CA GLY B 203 20.93 29.08 4.75
C GLY B 203 21.54 27.82 5.32
N GLY B 204 20.77 26.74 5.44
CA GLY B 204 21.33 25.51 5.99
C GLY B 204 21.79 25.70 7.42
N LEU B 205 23.02 25.28 7.69
CA LEU B 205 23.62 25.39 9.01
C LEU B 205 24.54 26.59 9.14
N ASN B 206 24.49 27.53 8.19
CA ASN B 206 25.33 28.72 8.22
C ASN B 206 24.56 29.85 8.89
N ALA B 207 24.99 30.22 10.10
CA ALA B 207 24.28 31.23 10.87
C ALA B 207 24.24 32.57 10.14
N ASP B 208 25.35 32.95 9.48
CA ASP B 208 25.39 34.23 8.79
C ASP B 208 24.50 34.22 7.55
N LEU B 209 24.49 33.10 6.81
CA LEU B 209 23.65 33.03 5.61
C LEU B 209 22.18 33.02 5.95
N ARG B 210 21.78 32.20 6.94
CA ARG B 210 20.38 32.15 7.34
C ARG B 210 19.91 33.48 7.91
N THR B 211 20.80 34.21 8.60
CA THR B 211 20.44 35.54 9.10
C THR B 211 20.14 36.50 7.95
N THR B 212 20.96 36.47 6.90
CA THR B 212 20.69 37.30 5.73
C THR B 212 19.36 36.94 5.09
N CYS B 213 19.09 35.64 4.95
CA CYS B 213 17.83 35.20 4.34
C CYS B 213 16.65 35.59 5.21
N LEU B 214 16.77 35.44 6.53
CA LEU B 214 15.72 35.88 7.44
C LEU B 214 15.41 37.36 7.27
N LYS B 215 16.44 38.20 7.24
CA LYS B 215 16.25 39.63 7.11
C LYS B 215 15.60 40.01 5.79
N GLU B 216 15.89 39.27 4.72
CA GLU B 216 15.41 39.66 3.40
C GLU B 216 13.98 39.18 3.14
N MET B 217 13.68 37.92 3.49
CA MET B 217 12.36 37.38 3.22
C MET B 217 11.30 37.98 4.13
N THR B 218 11.68 38.45 5.32
CA THR B 218 10.72 39.03 6.24
C THR B 218 10.09 40.30 5.69
N LYS B 219 10.78 41.00 4.78
CA LYS B 219 10.25 42.23 4.21
C LYS B 219 9.10 41.99 3.24
N ARG B 220 8.89 40.74 2.80
CA ARG B 220 7.76 40.41 1.94
C ARG B 220 6.54 40.05 2.78
N ASP B 221 5.37 40.50 2.33
CA ASP B 221 4.12 40.23 3.05
C ASP B 221 3.50 38.96 2.50
N VAL B 222 3.96 37.83 3.02
CA VAL B 222 3.39 36.53 2.70
C VAL B 222 2.68 36.00 3.93
N PRO B 223 1.61 35.22 3.77
CA PRO B 223 0.84 34.78 4.95
C PRO B 223 1.61 33.89 5.91
N GLY B 224 2.69 33.24 5.46
CA GLY B 224 3.42 32.36 6.36
C GLY B 224 4.83 32.09 5.86
N PHE B 225 5.62 31.52 6.76
CA PHE B 225 7.04 31.25 6.51
C PHE B 225 7.37 29.82 6.89
N ALA B 226 8.14 29.15 6.03
CA ALA B 226 8.67 27.83 6.32
C ALA B 226 10.17 27.89 6.58
N ILE B 227 10.65 26.89 7.32
CA ILE B 227 12.07 26.77 7.66
C ILE B 227 12.61 25.53 6.96
N GLY B 228 13.44 25.73 5.94
CA GLY B 228 14.01 24.65 5.18
C GLY B 228 15.48 24.38 5.52
N GLY B 229 15.95 23.21 5.10
CA GLY B 229 17.35 22.87 5.22
C GLY B 229 17.77 22.29 6.55
N LEU B 230 16.82 21.85 7.37
CA LEU B 230 17.13 21.33 8.70
C LEU B 230 16.70 19.89 8.90
N SER B 231 16.37 19.17 7.82
CA SER B 231 15.92 17.79 7.91
C SER B 231 17.09 16.82 7.85
N GLY B 232 17.04 15.80 8.70
CA GLY B 232 18.00 14.70 8.63
C GLY B 232 19.44 15.09 8.90
N GLY B 233 19.67 16.18 9.63
CA GLY B 233 21.03 16.56 9.94
C GLY B 233 21.66 15.67 10.99
N GLU B 234 23.00 15.62 10.97
CA GLU B 234 23.72 14.81 11.93
C GLU B 234 23.86 15.51 13.28
N SER B 235 24.28 16.77 13.25
CA SER B 235 24.56 17.53 14.48
C SER B 235 23.25 18.05 15.04
N LYS B 236 22.75 17.41 16.10
CA LYS B 236 21.54 17.89 16.77
C LYS B 236 21.77 19.24 17.43
N ALA B 237 23.00 19.52 17.89
CA ALA B 237 23.28 20.80 18.53
C ALA B 237 23.13 21.95 17.54
N GLN B 238 23.64 21.77 16.31
CA GLN B 238 23.50 22.80 15.29
C GLN B 238 22.06 22.87 14.78
N PHE B 239 21.32 21.76 14.86
CA PHE B 239 19.94 21.74 14.40
C PHE B 239 19.06 22.69 15.21
N TRP B 240 19.06 22.53 16.53
CA TRP B 240 18.17 23.35 17.36
C TRP B 240 18.61 24.80 17.40
N LYS B 241 19.90 25.07 17.30
CA LYS B 241 20.36 26.45 17.28
C LYS B 241 19.92 27.17 16.01
N MET B 242 19.81 26.45 14.91
CA MET B 242 19.30 27.05 13.67
C MET B 242 17.79 27.28 13.75
N VAL B 243 17.06 26.40 14.44
CA VAL B 243 15.63 26.61 14.64
C VAL B 243 15.38 27.83 15.50
N ALA B 244 16.14 27.95 16.60
CA ALA B 244 15.98 29.10 17.49
C ALA B 244 16.31 30.41 16.77
N LEU B 245 17.35 30.40 15.93
CA LEU B 245 17.69 31.58 15.16
C LEU B 245 16.55 32.00 14.24
N SER B 246 15.90 31.03 13.59
CA SER B 246 14.83 31.35 12.65
C SER B 246 13.61 31.92 13.37
N THR B 247 13.18 31.28 14.46
CA THR B 247 11.97 31.73 15.15
C THR B 247 12.17 33.06 15.86
N SER B 248 13.42 33.43 16.18
CA SER B 248 13.67 34.72 16.81
C SER B 248 13.46 35.88 15.84
N MET B 249 13.51 35.63 14.54
CA MET B 249 13.38 36.70 13.54
C MET B 249 12.12 36.58 12.69
N LEU B 250 11.38 35.47 12.78
CA LEU B 250 10.15 35.36 12.02
C LEU B 250 9.02 36.10 12.74
N PRO B 251 8.02 36.58 12.00
CA PRO B 251 6.93 37.34 12.63
C PRO B 251 6.16 36.48 13.63
N LYS B 252 5.76 37.12 14.73
CA LYS B 252 5.02 36.42 15.77
C LYS B 252 3.59 36.10 15.33
N ASP B 253 3.00 36.95 14.49
CA ASP B 253 1.61 36.81 14.07
C ASP B 253 1.44 35.96 12.82
N LYS B 254 2.47 35.21 12.43
CA LYS B 254 2.40 34.36 11.25
C LYS B 254 2.94 32.98 11.56
N PRO B 255 2.46 31.95 10.87
CA PRO B 255 2.86 30.57 11.22
C PRO B 255 4.32 30.30 10.89
N ARG B 256 4.91 29.39 11.67
CA ARG B 256 6.24 28.87 11.43
C ARG B 256 6.12 27.38 11.09
N TYR B 257 6.47 27.03 9.86
CA TYR B 257 6.37 25.67 9.36
C TYR B 257 7.77 25.09 9.25
N LEU B 258 8.06 24.05 10.03
CA LEU B 258 9.37 23.42 10.06
C LEU B 258 9.31 22.12 9.25
N MET B 259 10.08 22.07 8.18
CA MET B 259 9.98 20.99 7.21
C MET B 259 10.91 19.83 7.56
N GLY B 260 10.41 18.61 7.38
CA GLY B 260 11.23 17.42 7.53
C GLY B 260 11.61 17.06 8.96
N VAL B 261 10.68 17.22 9.90
CA VAL B 261 10.93 16.93 11.31
C VAL B 261 9.76 16.12 11.85
N GLY B 262 10.07 14.94 12.40
CA GLY B 262 9.03 14.05 12.86
C GLY B 262 9.35 13.26 14.11
N TYR B 263 10.62 13.28 14.53
CA TYR B 263 11.01 12.62 15.76
C TYR B 263 10.32 13.27 16.95
N ALA B 264 9.90 12.44 17.92
CA ALA B 264 9.05 12.91 19.00
C ALA B 264 9.73 14.03 19.81
N THR B 265 10.96 13.79 20.25
CA THR B 265 11.67 14.81 21.02
C THR B 265 11.90 16.07 20.20
N ASP B 266 12.18 15.91 18.90
CA ASP B 266 12.33 17.06 18.03
C ASP B 266 11.06 17.91 18.00
N LEU B 267 9.90 17.27 17.92
CA LEU B 267 8.64 18.00 17.85
C LEU B 267 8.40 18.80 19.13
N VAL B 268 8.63 18.19 20.29
CA VAL B 268 8.37 18.86 21.56
C VAL B 268 9.33 20.04 21.74
N VAL B 269 10.62 19.81 21.47
CA VAL B 269 11.61 20.87 21.64
C VAL B 269 11.33 22.02 20.67
N CYS B 270 11.00 21.69 19.41
CA CYS B 270 10.80 22.75 18.42
C CYS B 270 9.51 23.53 18.67
N VAL B 271 8.52 22.91 19.31
CA VAL B 271 7.35 23.66 19.75
C VAL B 271 7.76 24.67 20.83
N ALA B 272 8.67 24.26 21.72
CA ALA B 272 9.15 25.17 22.76
C ALA B 272 9.97 26.31 22.19
N LEU B 273 10.50 26.15 20.98
CA LEU B 273 11.27 27.20 20.32
C LEU B 273 10.43 28.13 19.46
N GLY B 274 9.16 27.81 19.25
CA GLY B 274 8.26 28.68 18.53
C GLY B 274 7.73 28.18 17.19
N CYS B 275 7.81 26.89 16.91
CA CYS B 275 7.31 26.35 15.66
C CYS B 275 5.85 25.93 15.79
N ASP B 276 5.11 26.07 14.68
CA ASP B 276 3.68 25.78 14.67
C ASP B 276 3.28 24.61 13.79
N MET B 277 4.01 24.33 12.71
CA MET B 277 3.62 23.33 11.74
C MET B 277 4.80 22.41 11.44
N PHE B 278 4.51 21.14 11.21
CA PHE B 278 5.53 20.13 10.97
C PHE B 278 5.05 19.15 9.91
N ASP B 279 6.02 18.54 9.22
CA ASP B 279 5.76 17.45 8.30
C ASP B 279 6.99 16.57 8.23
N CYS B 280 6.77 15.27 8.06
CA CYS B 280 7.86 14.32 7.85
C CYS B 280 7.27 12.99 7.40
N VAL B 281 8.14 12.15 6.84
CA VAL B 281 7.76 10.80 6.44
C VAL B 281 8.10 9.85 7.59
N TYR B 282 8.45 10.41 8.74
CA TYR B 282 8.85 9.61 9.90
C TYR B 282 7.83 8.55 10.29
N PRO B 283 6.53 8.85 10.44
CA PRO B 283 5.58 7.77 10.73
C PRO B 283 5.53 6.72 9.64
N THR B 284 5.60 7.14 8.38
CA THR B 284 5.58 6.19 7.27
C THR B 284 6.87 5.38 7.23
N ARG B 285 8.02 6.05 7.39
CA ARG B 285 9.30 5.34 7.37
C ARG B 285 9.42 4.38 8.55
N THR B 286 8.96 4.79 9.73
CA THR B 286 9.03 3.93 10.90
C THR B 286 8.23 2.65 10.70
N ALA B 287 7.10 2.73 9.98
CA ALA B 287 6.29 1.54 9.76
C ALA B 287 6.94 0.60 8.75
N ARG B 288 7.67 1.13 7.77
CA ARG B 288 8.39 0.28 6.83
C ARG B 288 9.41 -0.62 7.50
N PHE B 289 9.89 -0.25 8.69
CA PHE B 289 10.86 -1.05 9.42
C PHE B 289 10.21 -1.90 10.52
N GLY B 290 8.89 -2.02 10.51
CA GLY B 290 8.20 -2.84 11.49
C GLY B 290 8.19 -2.28 12.89
N SER B 291 8.29 -0.97 13.04
CA SER B 291 8.35 -0.33 14.34
C SER B 291 7.08 0.47 14.59
N ALA B 292 6.61 0.46 15.84
CA ALA B 292 5.42 1.20 16.25
C ALA B 292 5.81 2.27 17.26
N LEU B 293 5.37 3.50 17.03
CA LEU B 293 5.72 4.61 17.89
C LEU B 293 5.03 4.50 19.24
N VAL B 294 5.81 4.60 20.31
CA VAL B 294 5.31 4.52 21.69
C VAL B 294 5.95 5.62 22.51
N PRO B 295 5.38 5.92 23.69
CA PRO B 295 5.92 7.01 24.52
C PRO B 295 7.35 6.78 24.99
N THR B 296 7.90 5.58 24.87
CA THR B 296 9.27 5.31 25.27
C THR B 296 10.21 5.15 24.08
N GLY B 297 9.76 5.53 22.88
CA GLY B 297 10.56 5.34 21.68
C GLY B 297 9.78 4.63 20.60
N ASN B 298 10.18 3.40 20.28
CA ASN B 298 9.42 2.58 19.36
C ASN B 298 9.55 1.11 19.76
N LEU B 299 8.59 0.31 19.33
CA LEU B 299 8.61 -1.14 19.52
C LEU B 299 9.06 -1.79 18.22
N GLN B 300 10.17 -2.53 18.27
CA GLN B 300 10.66 -3.25 17.10
C GLN B 300 9.92 -4.59 17.06
N LEU B 301 8.79 -4.59 16.35
CA LEU B 301 7.87 -5.71 16.41
C LEU B 301 8.35 -6.93 15.64
N LYS B 302 9.43 -6.81 14.86
CA LYS B 302 10.06 -7.98 14.25
C LYS B 302 10.84 -8.81 15.24
N LYS B 303 11.07 -8.30 16.45
CA LYS B 303 11.80 -9.05 17.47
C LYS B 303 10.96 -10.21 18.01
N LYS B 304 11.65 -11.30 18.37
CA LYS B 304 10.97 -12.50 18.83
C LYS B 304 10.27 -12.30 20.16
N GLN B 305 10.63 -11.27 20.92
CA GLN B 305 10.03 -11.05 22.23
C GLN B 305 8.57 -10.65 22.15
N TYR B 306 8.05 -10.37 20.96
CA TYR B 306 6.65 -10.00 20.77
C TYR B 306 5.82 -11.11 20.15
N ALA B 307 6.42 -12.25 19.83
CA ALA B 307 5.69 -13.32 19.15
C ALA B 307 4.57 -13.88 20.00
N LYS B 308 4.68 -13.78 21.32
CA LYS B 308 3.64 -14.26 22.24
C LYS B 308 3.14 -13.15 23.14
N ASP B 309 3.31 -11.89 22.73
CA ASP B 309 2.80 -10.74 23.49
C ASP B 309 1.42 -10.40 22.94
N PHE B 310 0.38 -10.69 23.72
CA PHE B 310 -1.00 -10.58 23.26
C PHE B 310 -1.67 -9.30 23.75
N SER B 311 -0.91 -8.24 23.92
CA SER B 311 -1.44 -6.93 24.24
C SER B 311 -1.39 -6.03 23.02
N PRO B 312 -2.15 -4.93 23.01
CA PRO B 312 -2.03 -3.96 21.91
C PRO B 312 -0.67 -3.29 21.92
N ILE B 313 -0.42 -2.51 20.86
CA ILE B 313 0.77 -1.67 20.83
C ILE B 313 0.80 -0.74 22.03
N ASN B 314 -0.34 -0.10 22.31
CA ASN B 314 -0.48 0.83 23.42
C ASN B 314 -1.89 0.69 23.97
N PRO B 315 -2.03 0.31 25.25
CA PRO B 315 -3.38 0.15 25.81
C PRO B 315 -4.15 1.44 25.96
N GLU B 316 -3.47 2.58 25.89
CA GLU B 316 -4.11 3.89 26.01
C GLU B 316 -4.31 4.58 24.66
N CYS B 317 -3.94 3.93 23.57
CA CYS B 317 -4.10 4.53 22.24
C CYS B 317 -5.44 4.14 21.64
N PRO B 318 -6.25 5.09 21.19
CA PRO B 318 -7.58 4.77 20.69
C PRO B 318 -7.64 4.56 19.18
N CYS B 319 -6.49 4.32 18.55
CA CYS B 319 -6.46 4.14 17.12
C CYS B 319 -7.05 2.78 16.74
N PRO B 320 -7.52 2.63 15.49
CA PRO B 320 -8.12 1.34 15.09
C PRO B 320 -7.18 0.16 15.24
N THR B 321 -5.89 0.32 14.92
CA THR B 321 -4.96 -0.80 15.00
C THR B 321 -4.87 -1.34 16.42
N CYS B 322 -4.91 -0.46 17.42
CA CYS B 322 -4.84 -0.91 18.81
C CYS B 322 -6.16 -1.45 19.33
N GLN B 323 -7.23 -1.36 18.55
CA GLN B 323 -8.50 -1.99 18.89
C GLN B 323 -8.61 -3.42 18.38
N THR B 324 -7.92 -3.73 17.28
CA THR B 324 -8.11 -5.00 16.59
C THR B 324 -6.86 -5.87 16.53
N HIS B 325 -5.67 -5.32 16.75
CA HIS B 325 -4.42 -6.05 16.54
C HIS B 325 -3.60 -6.06 17.82
N SER B 326 -3.10 -7.23 18.18
CA SER B 326 -2.12 -7.39 19.23
C SER B 326 -0.71 -7.28 18.65
N ARG B 327 0.28 -7.17 19.53
CA ARG B 327 1.67 -7.17 19.08
C ARG B 327 2.04 -8.50 18.44
N ALA B 328 1.51 -9.61 18.99
CA ALA B 328 1.82 -10.92 18.43
C ALA B 328 1.27 -11.06 17.02
N PHE B 329 0.08 -10.55 16.76
CA PHE B 329 -0.49 -10.61 15.41
C PHE B 329 0.34 -9.79 14.43
N LEU B 330 0.69 -8.57 14.81
CA LEU B 330 1.50 -7.72 13.94
C LEU B 330 2.88 -8.32 13.73
N HIS B 331 3.44 -8.95 14.76
CA HIS B 331 4.69 -9.67 14.61
C HIS B 331 4.57 -10.78 13.57
N ALA B 332 3.46 -11.53 13.62
CA ALA B 332 3.26 -12.62 12.66
C ALA B 332 3.05 -12.08 11.25
N LEU B 333 2.31 -10.97 11.12
CA LEU B 333 2.08 -10.41 9.80
C LEU B 333 3.37 -9.84 9.20
N LEU B 334 4.27 -9.31 10.04
CA LEU B 334 5.51 -8.74 9.54
C LEU B 334 6.44 -9.78 8.92
N HIS B 335 6.19 -11.07 9.15
CA HIS B 335 7.05 -12.13 8.62
C HIS B 335 6.41 -12.93 7.51
N SER B 336 5.13 -12.70 7.18
CA SER B 336 4.48 -13.45 6.12
C SER B 336 3.69 -12.52 5.20
N ASP B 337 2.84 -11.69 5.77
CA ASP B 337 2.02 -10.75 5.01
C ASP B 337 2.46 -9.33 5.35
N ASN B 338 3.66 -8.99 4.88
CA ASN B 338 4.31 -7.74 5.28
C ASN B 338 3.51 -6.52 4.84
N THR B 339 2.87 -6.60 3.68
CA THR B 339 2.15 -5.45 3.16
C THR B 339 0.96 -5.09 4.04
N THR B 340 0.29 -6.09 4.62
CA THR B 340 -0.84 -5.82 5.50
C THR B 340 -0.37 -5.22 6.84
N ALA B 341 0.81 -5.62 7.32
CA ALA B 341 1.31 -5.08 8.58
C ALA B 341 1.72 -3.62 8.43
N LEU B 342 2.28 -3.24 7.27
CA LEU B 342 2.63 -1.85 7.03
C LEU B 342 1.40 -0.94 7.08
N HIS B 343 0.25 -1.44 6.63
CA HIS B 343 -0.97 -0.65 6.64
C HIS B 343 -1.41 -0.33 8.06
N HIS B 344 -1.39 -1.34 8.94
CA HIS B 344 -1.87 -1.14 10.30
C HIS B 344 -0.86 -0.41 11.17
N LEU B 345 0.43 -0.61 10.93
CA LEU B 345 1.44 0.16 11.66
C LEU B 345 1.42 1.63 11.28
N THR B 346 1.13 1.93 10.01
CA THR B 346 1.08 3.33 9.57
C THR B 346 -0.13 4.04 10.16
N VAL B 347 -1.27 3.36 10.25
CA VAL B 347 -2.44 3.94 10.91
C VAL B 347 -2.10 4.34 12.34
N HIS B 348 -1.41 3.46 13.07
CA HIS B 348 -1.06 3.76 14.45
C HIS B 348 0.00 4.85 14.54
N ASN B 349 1.03 4.77 13.70
CA ASN B 349 2.13 5.73 13.80
C ASN B 349 1.66 7.14 13.45
N ILE B 350 0.76 7.27 12.47
CA ILE B 350 0.17 8.57 12.19
C ILE B 350 -0.68 9.04 13.35
N ALA B 351 -1.46 8.12 13.95
CA ALA B 351 -2.28 8.48 15.10
C ALA B 351 -1.43 8.98 16.27
N TYR B 352 -0.28 8.34 16.50
CA TYR B 352 0.63 8.78 17.56
C TYR B 352 1.06 10.23 17.34
N GLN B 353 1.42 10.58 16.10
CA GLN B 353 1.83 11.95 15.80
C GLN B 353 0.71 12.94 16.14
N LEU B 354 -0.51 12.64 15.70
CA LEU B 354 -1.63 13.56 15.94
C LEU B 354 -1.97 13.64 17.42
N GLN B 355 -1.85 12.53 18.14
CA GLN B 355 -2.12 12.55 19.58
C GLN B 355 -1.04 13.31 20.33
N LEU B 356 0.22 13.17 19.92
CA LEU B 356 1.32 13.86 20.58
C LEU B 356 1.12 15.36 20.58
N LEU B 357 0.84 15.94 19.41
CA LEU B 357 0.71 17.39 19.33
C LEU B 357 -0.62 17.88 19.92
N SER B 358 -1.66 17.05 19.91
CA SER B 358 -2.88 17.39 20.62
C SER B 358 -2.61 17.53 22.11
N ALA B 359 -1.83 16.61 22.69
CA ALA B 359 -1.44 16.72 24.09
C ALA B 359 -0.55 17.93 24.32
N VAL B 360 0.41 18.17 23.42
CA VAL B 360 1.24 19.37 23.49
C VAL B 360 0.37 20.62 23.51
N ARG B 361 -0.57 20.71 22.56
CA ARG B 361 -1.42 21.89 22.46
C ARG B 361 -2.28 22.08 23.70
N SER B 362 -2.79 20.97 24.24
CA SER B 362 -3.64 21.06 25.43
C SER B 362 -2.87 21.58 26.64
N SER B 363 -1.61 21.13 26.80
CA SER B 363 -0.81 21.60 27.92
C SER B 363 -0.54 23.10 27.81
N ILE B 364 -0.42 23.63 26.60
CA ILE B 364 -0.25 25.07 26.43
C ILE B 364 -1.52 25.80 26.85
N LEU B 365 -2.67 25.31 26.39
CA LEU B 365 -3.95 25.91 26.80
C LEU B 365 -4.12 25.84 28.31
N GLU B 366 -3.69 24.75 28.93
CA GLU B 366 -3.79 24.58 30.38
C GLU B 366 -2.66 25.29 31.14
N GLN B 367 -1.83 26.07 30.44
CA GLN B 367 -0.75 26.85 31.05
C GLN B 367 0.18 25.96 31.89
N ARG B 368 0.51 24.78 31.36
CA ARG B 368 1.36 23.85 32.08
C ARG B 368 2.24 23.08 31.08
N PHE B 369 2.89 23.82 30.18
CA PHE B 369 3.73 23.22 29.15
C PHE B 369 5.09 22.79 29.68
N PRO B 370 5.76 23.57 30.54
CA PRO B 370 7.00 23.06 31.14
C PRO B 370 6.83 21.75 31.88
N ASP B 371 5.72 21.57 32.60
CA ASP B 371 5.48 20.31 33.29
C ASP B 371 5.22 19.17 32.31
N PHE B 372 4.56 19.47 31.18
CA PHE B 372 4.38 18.47 30.15
C PHE B 372 5.73 17.98 29.60
N VAL B 373 6.63 18.92 29.33
CA VAL B 373 7.92 18.57 28.76
C VAL B 373 8.73 17.73 29.74
N ARG B 374 8.71 18.11 31.03
CA ARG B 374 9.41 17.33 32.04
C ARG B 374 8.88 15.90 32.10
N ASN B 375 7.57 15.73 32.04
CA ASN B 375 7.00 14.38 32.05
C ASN B 375 7.32 13.64 30.76
N PHE B 376 7.32 14.35 29.62
CA PHE B 376 7.62 13.69 28.36
C PHE B 376 9.06 13.20 28.30
N MET B 377 10.01 14.03 28.76
CA MET B 377 11.41 13.61 28.76
C MET B 377 11.65 12.49 29.77
N ARG B 378 10.97 12.54 30.91
CA ARG B 378 11.09 11.48 31.91
C ARG B 378 10.63 10.14 31.34
N THR B 379 9.46 10.13 30.69
CA THR B 379 8.94 8.89 30.13
C THR B 379 9.80 8.39 28.97
N MET B 380 10.28 9.31 28.13
CA MET B 380 11.01 8.90 26.93
C MET B 380 12.39 8.34 27.27
N TYR B 381 13.12 9.00 28.16
CA TYR B 381 14.52 8.67 28.41
C TYR B 381 14.79 8.11 29.79
N GLY B 382 13.99 8.45 30.79
CA GLY B 382 14.16 7.86 32.10
C GLY B 382 14.50 8.85 33.20
N ASP B 383 15.46 9.73 32.93
CA ASP B 383 15.95 10.66 33.94
C ASP B 383 16.76 11.74 33.24
N HIS B 384 16.87 12.90 33.90
CA HIS B 384 17.59 14.03 33.33
C HIS B 384 19.02 13.66 32.92
N SER B 385 19.66 12.76 33.66
CA SER B 385 21.02 12.35 33.32
C SER B 385 21.08 11.61 31.99
N LEU B 386 19.98 10.99 31.57
CA LEU B 386 19.96 10.16 30.37
C LEU B 386 19.34 10.85 29.16
N CYS B 387 18.85 12.08 29.32
CA CYS B 387 18.33 12.82 28.18
C CYS B 387 19.46 13.25 27.25
N PRO B 388 19.20 13.32 25.94
CA PRO B 388 20.22 13.82 25.02
C PRO B 388 20.60 15.27 25.34
N ALA B 389 21.90 15.52 25.37
CA ALA B 389 22.41 16.82 25.80
C ALA B 389 21.84 17.97 24.96
N TRP B 390 21.62 17.73 23.66
CA TRP B 390 21.15 18.81 22.79
C TRP B 390 19.77 19.29 23.20
N ALA B 391 18.91 18.37 23.65
CA ALA B 391 17.57 18.75 24.05
C ALA B 391 17.56 19.45 25.41
N VAL B 392 18.44 19.02 26.32
CA VAL B 392 18.55 19.68 27.62
C VAL B 392 19.01 21.12 27.45
N GLU B 393 20.00 21.34 26.57
CA GLU B 393 20.47 22.70 26.35
C GLU B 393 19.43 23.54 25.62
N ALA B 394 18.75 22.97 24.64
CA ALA B 394 17.74 23.70 23.89
C ALA B 394 16.59 24.12 24.81
N LEU B 395 16.08 23.18 25.60
CA LEU B 395 14.97 23.49 26.51
C LEU B 395 15.40 24.52 27.55
N ALA B 396 16.65 24.46 28.01
CA ALA B 396 17.15 25.45 28.96
C ALA B 396 17.22 26.84 28.35
N SER B 397 17.44 26.92 27.04
CA SER B 397 17.51 28.23 26.37
C SER B 397 16.19 28.98 26.49
N VAL B 398 15.07 28.27 26.62
CA VAL B 398 13.76 28.89 26.78
C VAL B 398 13.23 28.74 28.20
N GLY B 399 14.07 28.36 29.15
CA GLY B 399 13.69 28.36 30.54
C GLY B 399 12.93 27.15 31.02
N ILE B 400 13.04 26.03 30.32
CA ILE B 400 12.44 24.77 30.76
C ILE B 400 13.57 23.89 31.28
N MET B 401 13.62 23.70 32.59
CA MET B 401 14.68 22.94 33.23
C MET B 401 14.22 21.53 33.56
N LEU B 402 15.08 20.55 33.29
CA LEU B 402 14.83 19.16 33.68
C LEU B 402 15.53 18.78 34.98
N THR B 403 16.51 19.56 35.41
CA THR B 403 17.27 19.25 36.62
C THR B 403 16.64 19.91 37.84
#